data_7CX2
#
_entry.id   7CX2
#
_cell.length_a   1.00
_cell.length_b   1.00
_cell.length_c   1.00
_cell.angle_alpha   90.00
_cell.angle_beta   90.00
_cell.angle_gamma   90.00
#
_symmetry.space_group_name_H-M   'P 1'
#
loop_
_entity.id
_entity.type
_entity.pdbx_description
1 polymer 'Prostaglandin E2 receptor EP2 subtype'
2 polymer 'Guanine nucleotide-binding protein G(s) subunit alpha isoforms short'
3 polymer 'Guanine nucleotide-binding protein G(I)/G(S)/G(T) subunit beta-1'
4 polymer 'Guanine nucleotide-binding protein G(I)/G(S)/G(O) subunit gamma-2'
5 polymer Nanobody-35
6 non-polymer '(Z)-7-[(1R,2R,3R)-3-hydroxy-2-[(E,3S)-3-hydroxyoct-1-enyl]-5-oxo-cyclopentyl]hept-5-enoic acid'
7 water water
#
loop_
_entity_poly.entity_id
_entity_poly.type
_entity_poly.pdbx_seq_one_letter_code
_entity_poly.pdbx_strand_id
1 'polypeptide(L)'
;MGNASNDSQSEDCETRQWLPPGESPAISSVMFSAGVLGNLIALALLARRWRGDVGCSAGRRSSLSLFHVLVTELVFTDLL
GTCLISPVVLASYARNQTLVALAPESRACTYFAFAMTFFSLATMLMLFAMALERYLSIGHPYFYQRRVSRSGGLAVLPVI
YAVSLLFCSLPLLDYGQYVQYCPGTWCFIRHGRTAYLQLYATLLLLLIVSVLACNFSVILNLIRMHRRSRRSRCGPSLGS
GRGGPGARRRGERVSMAEETDHLILLAIMTITFAVCSLPFTIFAYMNETSSRKEKWDLQALRFLSINSIIDPWVFAILRP
PVLRLMRSVLCCRISLRTQDATQTSCSTQSDASKQADL
;
R
2 'polypeptide(L)'
;MGCLGNSKTEDQRNEEKAQREANKKIEKQLQKDKQVYRATHRLLLLGAGESGKNTIVKQMRILHVNGFNGEGGEEDPQAA
RSNSDGEKATKVQDIKNNLKEAIETIVAAMSNLVPPVELANPENQFRVDYILSVMNVPDFDFPPEFYEHAKALWEDEGVR
ACYERSNEYQLIDCAQYFLDKIDVIKQADYVPSDQDLLRCRVLTSGIFETKFQVDKVNFHMFDVGAQRDERRKWIQCFND
VTAIIFVVASSSYNMVIREDNQTNRLQAALKLFDSIWNNKWLRDTSVILFLNKQDLLAEKVLAGKSKIEDYFPEFARYTT
PEDATPEPGEDPRVTRAKYFIRDEFLRISTASGDGRHYCYPHFTCAVDTENIRRVFNDCRDIIQRMHLRQYELL
;
A
3 'polypeptide(L)'
;MHHHHHHLEVLFQGPGSSQSELDQLRQEAEQLKNQIRDARKACADATLSQITNNIDPVGRIQMRTRRTLRGHLAKIYAMH
WGTDSRLLVSASQDGKLIIWDSYTTNKVHAIPLRSSWVMTCAYAPSGNYVACGGLDNICSIYNLKTREGNVRVSRELAGH
TGYLSCCRFLDDNQIVTSSGDTTCALWDIETGQQTTTFTGHTGDVMSLSLAPDTRLFVSGACDASAKLWDVREGMCRQTF
TGHESDINAICFFPNGNAFATGSDDATCRLFDLRADQELMTYSHDNIICGITSVSFSKSGRLLLAGYDDFNCNVWDALKA
DRAGVLAGHDNRVSCLGVTDDGMAVATGSWDSFLKIWN
;
B
4 'polypeptide(L)' MASNNTASIAQARKLVEQLKMEANIDRIKVSKAAADLMAYCEAHAKEDPLLTPVPASENPFREKKFFCAIL G
5 'polypeptide(L)'
;QVQLQESGGGLVQPGGSLRLSCAASGFTFSNYKMNWVRQAPGKGLEWVSDISQSGASISYTGSVKGRFTISRDNAKNTLY
LQMNSLKPEDTAVYYCARCPAPFTRDCFDVTSTTYAYRGQGTQVTVSS
;
N
#
loop_
_chem_comp.id
_chem_comp.type
_chem_comp.name
_chem_comp.formula
P2E non-polymer '(Z)-7-[(1R,2R,3R)-3-hydroxy-2-[(E,3S)-3-hydroxyoct-1-enyl]-5-oxo-cyclopentyl]hept-5-enoic acid' 'C20 H32 O5'
#
# COMPACT_ATOMS: atom_id res chain seq x y z
N GLU A 23 50.95 36.17 -2.67
CA GLU A 23 49.92 35.17 -2.98
C GLU A 23 48.72 35.83 -3.65
N SER A 24 48.14 35.13 -4.61
CA SER A 24 46.98 35.56 -5.38
C SER A 24 45.71 34.86 -4.90
N PRO A 25 44.56 35.55 -4.93
CA PRO A 25 43.29 34.91 -4.57
C PRO A 25 42.73 34.02 -5.67
N ALA A 26 43.59 33.16 -6.23
CA ALA A 26 43.17 32.30 -7.32
C ALA A 26 42.69 30.94 -6.81
N ILE A 27 43.29 30.44 -5.74
CA ILE A 27 42.91 29.13 -5.23
C ILE A 27 41.83 29.22 -4.15
N SER A 28 41.88 30.30 -3.37
CA SER A 28 40.87 30.60 -2.35
C SER A 28 39.49 30.93 -2.96
N SER A 29 39.48 31.71 -4.03
CA SER A 29 38.25 32.12 -4.70
C SER A 29 37.50 30.91 -5.25
N VAL A 30 38.24 29.94 -5.80
CA VAL A 30 37.58 28.77 -6.37
C VAL A 30 36.97 27.91 -5.28
N MET A 31 37.70 27.65 -4.20
CA MET A 31 37.15 26.83 -3.12
C MET A 31 36.10 27.57 -2.30
N PHE A 32 35.93 28.88 -2.52
CA PHE A 32 34.74 29.56 -2.02
C PHE A 32 33.56 29.41 -2.98
N SER A 33 33.76 29.78 -4.24
CA SER A 33 32.67 29.81 -5.21
C SER A 33 32.12 28.42 -5.49
N ALA A 34 33.00 27.49 -5.87
CA ALA A 34 32.57 26.13 -6.13
C ALA A 34 31.90 25.51 -4.91
N GLY A 35 32.47 25.76 -3.73
CA GLY A 35 31.89 25.26 -2.50
C GLY A 35 30.47 25.72 -2.29
N VAL A 36 30.25 27.03 -2.30
CA VAL A 36 28.91 27.55 -2.03
C VAL A 36 27.93 27.13 -3.13
N LEU A 37 28.39 27.10 -4.39
CA LEU A 37 27.46 26.74 -5.45
C LEU A 37 27.06 25.27 -5.36
N GLY A 38 28.03 24.38 -5.11
CA GLY A 38 27.69 22.99 -4.89
C GLY A 38 26.75 22.80 -3.72
N ASN A 39 26.98 23.55 -2.63
CA ASN A 39 26.11 23.42 -1.46
C ASN A 39 24.68 23.82 -1.77
N LEU A 40 24.47 25.00 -2.34
CA LEU A 40 23.07 25.41 -2.53
C LEU A 40 22.43 24.66 -3.70
N ILE A 41 23.25 24.15 -4.63
CA ILE A 41 22.71 23.30 -5.68
C ILE A 41 22.20 22.00 -5.09
N ALA A 42 22.98 21.36 -4.22
CA ALA A 42 22.51 20.17 -3.54
C ALA A 42 21.32 20.48 -2.63
N LEU A 43 21.22 21.70 -2.11
CA LEU A 43 20.01 22.09 -1.40
C LEU A 43 18.81 22.17 -2.34
N ALA A 44 19.04 22.59 -3.58
CA ALA A 44 17.94 22.72 -4.53
C ALA A 44 17.25 21.39 -4.78
N LEU A 45 18.03 20.31 -4.97
CA LEU A 45 17.43 18.99 -5.12
C LEU A 45 16.90 18.44 -3.81
N LEU A 46 17.41 18.92 -2.67
CA LEU A 46 16.88 18.49 -1.38
C LEU A 46 15.54 19.12 -1.06
N ALA A 47 15.06 20.04 -1.88
CA ALA A 47 13.71 20.59 -1.73
C ALA A 47 12.74 19.95 -2.72
N ARG A 48 13.21 19.64 -3.92
CA ARG A 48 12.36 19.01 -4.93
C ARG A 48 12.22 17.51 -4.68
N SER A 65 13.27 10.31 4.94
CA SER A 65 13.35 9.79 6.30
C SER A 65 14.49 10.45 7.08
N LEU A 66 15.24 9.64 7.82
CA LEU A 66 16.32 10.19 8.64
C LEU A 66 17.52 10.60 7.78
N PHE A 67 17.74 9.91 6.66
CA PHE A 67 18.89 10.25 5.83
C PHE A 67 18.78 11.64 5.25
N HIS A 68 17.55 12.07 4.90
CA HIS A 68 17.39 13.45 4.43
C HIS A 68 17.61 14.45 5.55
N VAL A 69 17.12 14.14 6.75
CA VAL A 69 17.33 15.01 7.90
C VAL A 69 18.80 15.10 8.29
N LEU A 70 19.63 14.14 7.86
CA LEU A 70 21.06 14.25 8.07
C LEU A 70 21.78 14.93 6.92
N VAL A 71 21.38 14.65 5.68
CA VAL A 71 22.03 15.26 4.51
C VAL A 71 21.79 16.76 4.49
N THR A 72 20.53 17.17 4.73
CA THR A 72 20.23 18.60 4.73
C THR A 72 21.02 19.33 5.79
N GLU A 73 21.15 18.74 6.98
CA GLU A 73 21.89 19.38 8.05
C GLU A 73 23.39 19.43 7.73
N LEU A 74 23.91 18.39 7.09
CA LEU A 74 25.32 18.42 6.67
C LEU A 74 25.56 19.54 5.66
N VAL A 75 24.68 19.67 4.66
CA VAL A 75 24.87 20.70 3.65
C VAL A 75 24.68 22.09 4.24
N PHE A 76 23.73 22.22 5.16
CA PHE A 76 23.52 23.50 5.83
C PHE A 76 24.74 23.91 6.65
N THR A 77 25.33 22.96 7.38
CA THR A 77 26.53 23.25 8.13
C THR A 77 27.69 23.62 7.22
N ASP A 78 27.82 22.92 6.08
CA ASP A 78 28.87 23.25 5.12
C ASP A 78 28.70 24.67 4.60
N LEU A 79 27.48 25.04 4.23
CA LEU A 79 27.24 26.38 3.70
C LEU A 79 27.51 27.45 4.75
N LEU A 80 26.97 27.26 5.95
CA LEU A 80 27.16 28.23 7.03
C LEU A 80 28.59 28.25 7.55
N GLY A 81 29.38 27.23 7.24
CA GLY A 81 30.78 27.24 7.61
C GLY A 81 31.63 27.96 6.59
N THR A 82 31.32 27.77 5.31
CA THR A 82 32.06 28.48 4.28
C THR A 82 31.74 29.98 4.30
N CYS A 83 30.45 30.33 4.44
CA CYS A 83 30.06 31.72 4.34
C CYS A 83 30.57 32.58 5.50
N LEU A 84 31.03 31.97 6.58
CA LEU A 84 31.53 32.71 7.72
C LEU A 84 33.04 32.60 7.89
N ILE A 85 33.74 31.96 6.96
CA ILE A 85 35.18 31.84 7.04
C ILE A 85 35.83 32.39 5.78
N SER A 86 35.30 32.03 4.62
CA SER A 86 35.87 32.51 3.37
C SER A 86 35.81 34.03 3.20
N PRO A 87 34.75 34.75 3.60
CA PRO A 87 34.76 36.20 3.39
C PRO A 87 35.82 36.94 4.19
N VAL A 88 36.09 36.52 5.43
CA VAL A 88 37.07 37.26 6.24
C VAL A 88 38.48 37.04 5.71
N VAL A 89 38.74 35.89 5.09
CA VAL A 89 40.07 35.66 4.52
C VAL A 89 40.18 36.28 3.12
N LEU A 90 39.08 36.30 2.38
CA LEU A 90 39.06 36.94 1.08
C LEU A 90 39.26 38.44 1.29
N ALA A 91 38.61 38.93 2.34
CA ALA A 91 38.63 40.35 2.71
C ALA A 91 40.03 40.84 3.05
N SER A 92 40.83 39.99 3.69
CA SER A 92 42.17 40.37 4.11
C SER A 92 43.08 40.77 2.94
N TYR A 93 42.92 40.10 1.80
CA TYR A 93 43.74 40.42 0.65
C TYR A 93 43.56 41.88 0.22
N ALA A 94 42.33 42.39 0.28
CA ALA A 94 42.11 43.77 -0.14
C ALA A 94 42.04 44.72 1.06
N ARG A 95 42.99 44.61 1.96
CA ARG A 95 43.26 45.63 2.96
C ARG A 95 44.73 46.01 3.02
N ASN A 96 45.63 45.03 2.92
CA ASN A 96 47.06 45.28 2.79
C ASN A 96 47.69 43.98 2.31
N GLN A 97 48.26 44.01 1.10
CA GLN A 97 48.78 42.78 0.51
C GLN A 97 49.98 42.27 1.30
N THR A 98 49.84 41.04 1.83
CA THR A 98 50.92 40.34 2.53
C THR A 98 51.58 41.23 3.59
N LEU A 99 50.81 42.14 4.17
CA LEU A 99 51.30 43.07 5.18
C LEU A 99 50.42 43.19 6.40
N VAL A 100 49.12 42.90 6.30
CA VAL A 100 48.19 42.96 7.42
C VAL A 100 47.59 41.58 7.59
N ALA A 101 48.20 40.75 8.44
CA ALA A 101 47.63 39.46 8.76
C ALA A 101 46.25 39.61 9.40
N LEU A 102 46.19 40.30 10.53
CA LEU A 102 44.94 40.67 11.18
C LEU A 102 44.56 42.07 10.76
N ALA A 103 43.25 42.32 10.66
CA ALA A 103 42.70 43.58 10.16
C ALA A 103 43.08 44.74 11.08
N PRO A 104 42.78 46.00 10.68
CA PRO A 104 43.01 47.14 11.58
C PRO A 104 42.54 46.94 13.02
N GLU A 105 41.61 46.00 13.24
CA GLU A 105 41.19 45.65 14.59
C GLU A 105 42.39 45.19 15.41
N SER A 106 42.29 45.35 16.73
CA SER A 106 43.37 44.91 17.61
C SER A 106 43.53 43.40 17.59
N ARG A 107 42.46 42.67 17.29
CA ARG A 107 42.51 41.21 17.20
C ARG A 107 41.40 40.78 16.24
N ALA A 108 41.79 40.34 15.04
CA ALA A 108 40.83 40.06 13.99
C ALA A 108 40.86 38.63 13.46
N CYS A 109 41.77 37.79 13.94
CA CYS A 109 41.84 36.42 13.46
C CYS A 109 41.67 35.37 14.55
N THR A 110 41.58 35.77 15.82
CA THR A 110 41.17 34.81 16.85
C THR A 110 39.77 34.29 16.55
N TYR A 111 38.88 35.17 16.09
CA TYR A 111 37.57 34.74 15.63
C TYR A 111 37.68 33.76 14.47
N PHE A 112 38.56 34.04 13.52
CA PHE A 112 38.74 33.14 12.39
C PHE A 112 39.18 31.76 12.86
N ALA A 113 40.16 31.71 13.76
CA ALA A 113 40.67 30.42 14.24
C ALA A 113 39.61 29.66 15.01
N PHE A 114 38.91 30.35 15.91
CA PHE A 114 37.86 29.70 16.67
C PHE A 114 36.76 29.17 15.77
N ALA A 115 36.34 29.96 14.78
CA ALA A 115 35.27 29.52 13.88
C ALA A 115 35.74 28.36 13.01
N MET A 116 37.01 28.40 12.59
CA MET A 116 37.58 27.33 11.77
C MET A 116 37.62 26.00 12.53
N THR A 117 38.04 26.04 13.79
CA THR A 117 38.04 24.85 14.65
C THR A 117 36.61 24.36 14.88
N PHE A 118 35.70 25.29 15.16
CA PHE A 118 34.31 24.94 15.44
C PHE A 118 33.66 24.25 14.24
N PHE A 119 33.84 24.81 13.05
CA PHE A 119 33.23 24.21 11.86
C PHE A 119 33.89 22.90 11.49
N SER A 120 35.20 22.77 11.72
CA SER A 120 35.88 21.51 11.50
C SER A 120 35.28 20.41 12.37
N LEU A 121 35.18 20.66 13.67
CA LEU A 121 34.61 19.64 14.56
C LEU A 121 33.14 19.38 14.23
N ALA A 122 32.40 20.43 13.87
CA ALA A 122 30.99 20.25 13.56
C ALA A 122 30.81 19.34 12.36
N THR A 123 31.55 19.59 11.27
CA THR A 123 31.37 18.78 10.08
C THR A 123 31.95 17.38 10.25
N MET A 124 33.00 17.23 11.07
CA MET A 124 33.54 15.89 11.30
C MET A 124 32.58 15.05 12.12
N LEU A 125 31.99 15.62 13.17
CA LEU A 125 30.96 14.90 13.92
C LEU A 125 29.72 14.65 13.07
N MET A 126 29.38 15.57 12.17
CA MET A 126 28.21 15.36 11.32
C MET A 126 28.47 14.28 10.28
N LEU A 127 29.72 14.08 9.88
CA LEU A 127 30.03 12.94 9.01
C LEU A 127 30.07 11.63 9.79
N PHE A 128 30.55 11.67 11.03
CA PHE A 128 30.52 10.48 11.86
C PHE A 128 29.09 10.03 12.13
N ALA A 129 28.17 10.99 12.32
CA ALA A 129 26.78 10.63 12.56
C ALA A 129 26.19 9.88 11.37
N MET A 130 26.45 10.36 10.16
CA MET A 130 25.94 9.67 8.97
C MET A 130 26.61 8.31 8.79
N ALA A 131 27.91 8.22 9.05
CA ALA A 131 28.59 6.93 8.98
C ALA A 131 27.96 5.92 9.93
N LEU A 132 27.70 6.34 11.17
CA LEU A 132 27.13 5.42 12.15
C LEU A 132 25.69 5.06 11.83
N GLU A 133 24.91 6.01 11.31
CA GLU A 133 23.55 5.70 10.93
C GLU A 133 23.50 4.69 9.79
N ARG A 134 24.35 4.88 8.77
CA ARG A 134 24.39 3.92 7.68
C ARG A 134 24.88 2.56 8.16
N TYR A 135 25.84 2.55 9.08
CA TYR A 135 26.34 1.28 9.62
C TYR A 135 25.26 0.53 10.36
N LEU A 136 24.47 1.23 11.19
CA LEU A 136 23.39 0.56 11.90
C LEU A 136 22.28 0.15 10.96
N SER A 137 22.11 0.88 9.88
CA SER A 137 21.05 0.58 8.94
C SER A 137 21.36 -0.68 8.12
N ILE A 138 22.62 -0.91 7.78
CA ILE A 138 22.95 -2.04 6.94
C ILE A 138 23.53 -3.18 7.78
N GLY A 139 24.13 -2.85 8.91
CA GLY A 139 24.80 -3.87 9.68
C GLY A 139 23.92 -4.57 10.68
N HIS A 140 23.03 -3.82 11.34
CA HIS A 140 22.12 -4.36 12.35
C HIS A 140 20.71 -3.89 12.01
N PRO A 141 20.05 -4.57 11.07
CA PRO A 141 18.76 -4.06 10.60
C PRO A 141 17.66 -4.15 11.64
N TYR A 142 17.49 -5.32 12.27
CA TYR A 142 16.43 -5.49 13.25
C TYR A 142 16.53 -4.45 14.35
N PHE A 143 17.70 -4.33 14.98
CA PHE A 143 17.89 -3.30 16.02
C PHE A 143 17.58 -1.91 15.47
N TYR A 144 17.96 -1.64 14.23
CA TYR A 144 17.70 -0.32 13.68
C TYR A 144 16.23 -0.15 13.35
N GLN A 145 15.53 -1.26 13.07
CA GLN A 145 14.15 -1.17 12.63
C GLN A 145 13.27 -0.59 13.73
N ARG A 146 13.60 -0.89 14.98
CA ARG A 146 12.84 -0.37 16.11
C ARG A 146 13.49 0.86 16.74
N ARG A 147 14.73 0.75 17.21
CA ARG A 147 15.28 1.70 18.17
C ARG A 147 15.86 2.94 17.48
N VAL A 148 15.37 3.20 16.26
CA VAL A 148 15.77 4.41 15.53
C VAL A 148 14.59 4.92 14.72
N SER A 149 14.22 6.19 14.91
CA SER A 149 13.12 6.80 14.19
C SER A 149 13.52 8.19 13.68
N ARG A 150 12.82 8.61 12.63
CA ARG A 150 13.15 9.86 11.96
C ARG A 150 12.97 11.06 12.87
N SER A 151 11.99 11.00 13.77
CA SER A 151 11.65 12.16 14.59
C SER A 151 12.85 12.61 15.43
N GLY A 152 13.61 11.67 15.98
CA GLY A 152 14.78 12.01 16.75
C GLY A 152 15.96 12.44 15.90
N GLY A 153 15.75 12.64 14.59
CA GLY A 153 16.85 12.99 13.71
C GLY A 153 17.21 14.46 13.77
N LEU A 154 16.24 15.31 14.09
CA LEU A 154 16.53 16.74 14.14
C LEU A 154 17.42 17.10 15.32
N ALA A 155 17.42 16.23 16.31
CA ALA A 155 18.20 16.37 17.54
C ALA A 155 19.71 16.35 17.34
N VAL A 156 20.17 15.54 16.39
CA VAL A 156 21.60 15.36 16.15
C VAL A 156 22.37 16.60 15.74
N LEU A 157 21.81 17.45 14.88
CA LEU A 157 22.55 18.64 14.46
C LEU A 157 22.87 19.59 15.61
N PRO A 158 21.89 19.85 16.49
CA PRO A 158 22.05 20.72 17.65
C PRO A 158 23.07 20.20 18.67
N VAL A 159 23.09 18.90 18.92
CA VAL A 159 24.04 18.34 19.87
C VAL A 159 25.46 18.58 19.38
N ILE A 160 25.65 18.44 18.08
CA ILE A 160 26.95 18.67 17.45
C ILE A 160 27.39 20.11 17.68
N TYR A 161 26.49 21.07 17.44
CA TYR A 161 26.82 22.47 17.67
C TYR A 161 27.17 22.73 19.12
N ALA A 162 26.45 22.09 20.05
CA ALA A 162 26.71 22.29 21.48
C ALA A 162 28.09 21.77 21.86
N VAL A 163 28.41 20.55 21.44
CA VAL A 163 29.72 19.96 21.78
C VAL A 163 30.84 20.78 21.16
N SER A 164 30.68 21.18 19.90
CA SER A 164 31.73 21.96 19.25
C SER A 164 31.89 23.33 19.89
N LEU A 165 30.78 23.99 20.25
CA LEU A 165 30.87 25.29 20.87
C LEU A 165 31.52 25.20 22.26
N LEU A 166 31.22 24.13 23.00
CA LEU A 166 31.86 23.94 24.28
C LEU A 166 33.36 23.73 24.12
N PHE A 167 33.76 22.85 23.18
CA PHE A 167 35.18 22.56 23.01
C PHE A 167 35.93 23.77 22.47
N CYS A 168 35.26 24.65 21.74
CA CYS A 168 35.92 25.82 21.18
C CYS A 168 35.84 27.04 22.07
N SER A 169 34.95 27.04 23.07
CA SER A 169 35.01 28.01 24.15
C SER A 169 35.87 27.52 25.30
N LEU A 170 36.33 26.28 25.25
CA LEU A 170 37.33 25.80 26.21
C LEU A 170 38.57 26.68 26.29
N PRO A 171 39.16 27.18 25.18
CA PRO A 171 40.29 28.11 25.33
C PRO A 171 39.90 29.45 25.92
N LEU A 172 38.61 29.81 25.91
CA LEU A 172 38.17 31.02 26.58
C LEU A 172 38.35 30.92 28.09
N LEU A 173 38.57 29.72 28.62
CA LEU A 173 38.78 29.49 30.05
C LEU A 173 40.26 29.39 30.39
N ASP A 174 41.09 30.17 29.71
CA ASP A 174 42.53 30.30 30.00
C ASP A 174 43.29 29.01 29.70
N TYR A 175 43.00 28.36 28.57
CA TYR A 175 43.59 27.07 28.25
C TYR A 175 44.42 27.09 26.97
N GLY A 176 43.92 27.72 25.89
CA GLY A 176 44.60 27.72 24.63
C GLY A 176 44.97 29.13 24.19
N GLN A 177 45.82 29.19 23.17
CA GLN A 177 46.27 30.46 22.59
C GLN A 177 46.34 30.32 21.07
N TYR A 178 45.92 31.38 20.37
CA TYR A 178 45.95 31.40 18.91
C TYR A 178 47.22 32.07 18.40
N VAL A 179 47.57 31.78 17.15
CA VAL A 179 48.79 32.26 16.53
C VAL A 179 48.55 32.45 15.04
N GLN A 180 49.16 33.51 14.48
CA GLN A 180 49.12 33.77 13.05
C GLN A 180 50.21 33.00 12.32
N TYR A 181 49.87 32.51 11.13
CA TYR A 181 50.77 31.65 10.37
C TYR A 181 51.44 32.43 9.24
N CYS A 182 52.33 31.72 8.53
CA CYS A 182 53.22 32.39 7.58
C CYS A 182 52.48 33.04 6.41
N PRO A 183 51.53 32.39 5.73
CA PRO A 183 50.77 33.10 4.69
C PRO A 183 50.04 34.34 5.20
N GLY A 184 49.87 34.47 6.50
CA GLY A 184 49.30 35.67 7.12
C GLY A 184 47.79 35.69 7.22
N THR A 185 47.09 35.13 6.24
CA THR A 185 45.65 35.27 6.13
C THR A 185 44.89 34.20 6.89
N TRP A 186 45.55 33.45 7.78
CA TRP A 186 44.86 32.42 8.54
C TRP A 186 45.58 32.19 9.86
N CYS A 187 44.82 32.16 10.95
CA CYS A 187 45.34 31.92 12.28
C CYS A 187 44.77 30.61 12.82
N PHE A 188 45.47 30.00 13.77
CA PHE A 188 45.06 28.71 14.30
C PHE A 188 45.71 28.47 15.65
N ILE A 189 45.42 27.30 16.24
CA ILE A 189 45.94 26.97 17.57
C ILE A 189 47.45 27.01 17.57
N ARG A 190 48.03 27.56 18.65
CA ARG A 190 49.47 27.69 18.75
C ARG A 190 50.15 26.34 18.82
N HIS A 191 51.30 26.23 18.16
CA HIS A 191 52.14 25.05 18.29
C HIS A 191 52.56 24.85 19.75
N GLY A 192 52.20 23.69 20.31
CA GLY A 192 52.62 23.26 21.63
C GLY A 192 52.27 24.23 22.75
N ARG A 193 53.09 24.15 23.81
CA ARG A 193 52.98 24.94 25.03
C ARG A 193 51.75 24.52 25.84
N THR A 194 50.93 23.64 25.26
CA THR A 194 49.75 23.07 25.92
C THR A 194 49.53 21.69 25.34
N ALA A 195 48.64 20.93 25.99
CA ALA A 195 48.15 19.67 25.45
C ALA A 195 46.88 19.85 24.63
N TYR A 196 46.63 21.07 24.12
CA TYR A 196 45.39 21.36 23.42
C TYR A 196 45.41 20.82 22.00
N LEU A 197 46.46 21.13 21.24
CA LEU A 197 46.57 20.61 19.88
C LEU A 197 46.60 19.10 19.89
N GLN A 198 47.22 18.50 20.92
CA GLN A 198 47.16 17.05 21.09
C GLN A 198 45.72 16.56 21.13
N LEU A 199 44.89 17.22 21.93
CA LEU A 199 43.50 16.80 22.09
C LEU A 199 42.72 16.99 20.80
N TYR A 200 42.94 18.11 20.10
CA TYR A 200 42.23 18.33 18.84
C TYR A 200 42.61 17.27 17.81
N ALA A 201 43.91 16.99 17.68
CA ALA A 201 44.36 16.01 16.71
C ALA A 201 43.81 14.63 17.04
N THR A 202 43.84 14.23 18.31
CA THR A 202 43.34 12.90 18.65
C THR A 202 41.82 12.81 18.50
N LEU A 203 41.10 13.91 18.71
CA LEU A 203 39.67 13.91 18.46
C LEU A 203 39.37 13.69 16.99
N LEU A 204 40.03 14.47 16.11
CA LEU A 204 39.85 14.24 14.68
C LEU A 204 40.28 12.85 14.26
N LEU A 205 41.33 12.31 14.90
CA LEU A 205 41.80 10.97 14.55
C LEU A 205 40.78 9.92 14.94
N LEU A 206 40.18 10.05 16.12
CA LEU A 206 39.13 9.11 16.52
C LEU A 206 37.94 9.20 15.58
N LEU A 207 37.56 10.41 15.19
CA LEU A 207 36.42 10.56 14.28
C LEU A 207 36.72 9.93 12.92
N ILE A 208 37.93 10.13 12.40
CA ILE A 208 38.29 9.55 11.11
C ILE A 208 38.33 8.04 11.19
N VAL A 209 38.90 7.50 12.28
CA VAL A 209 38.97 6.05 12.44
C VAL A 209 37.57 5.46 12.50
N SER A 210 36.66 6.10 13.25
CA SER A 210 35.30 5.60 13.35
C SER A 210 34.60 5.63 12.01
N VAL A 211 34.75 6.72 11.26
CA VAL A 211 34.09 6.82 9.96
C VAL A 211 34.60 5.76 9.00
N LEU A 212 35.92 5.56 8.96
CA LEU A 212 36.49 4.54 8.07
C LEU A 212 36.03 3.15 8.49
N ALA A 213 35.96 2.88 9.79
CA ALA A 213 35.55 1.56 10.25
C ALA A 213 34.11 1.29 9.86
N CYS A 214 33.22 2.26 10.06
CA CYS A 214 31.82 2.05 9.69
C CYS A 214 31.66 1.92 8.18
N ASN A 215 32.43 2.68 7.40
CA ASN A 215 32.35 2.55 5.95
C ASN A 215 32.82 1.18 5.49
N PHE A 216 33.90 0.66 6.08
CA PHE A 216 34.39 -0.66 5.69
C PHE A 216 33.40 -1.74 6.10
N SER A 217 32.77 -1.59 7.27
CA SER A 217 31.79 -2.58 7.69
C SER A 217 30.57 -2.58 6.76
N VAL A 218 30.13 -1.40 6.32
CA VAL A 218 29.01 -1.36 5.40
C VAL A 218 29.39 -1.96 4.06
N ILE A 219 30.62 -1.70 3.58
CA ILE A 219 31.05 -2.30 2.33
C ILE A 219 31.09 -3.82 2.44
N LEU A 220 31.56 -4.33 3.58
CA LEU A 220 31.61 -5.77 3.78
C LEU A 220 30.21 -6.38 3.80
N ASN A 221 29.27 -5.73 4.48
CA ASN A 221 27.90 -6.24 4.52
C ASN A 221 27.25 -6.19 3.14
N LEU A 222 27.55 -5.15 2.36
CA LEU A 222 27.01 -5.07 1.01
C LEU A 222 27.59 -6.17 0.13
N ILE A 223 28.87 -6.48 0.28
CA ILE A 223 29.47 -7.58 -0.48
C ILE A 223 28.83 -8.91 -0.09
N ARG A 224 28.58 -9.09 1.20
CA ARG A 224 27.89 -10.30 1.66
C ARG A 224 26.52 -10.42 1.01
N MET A 225 25.72 -9.35 1.07
CA MET A 225 24.36 -9.43 0.53
C MET A 225 24.35 -9.46 -0.99
N HIS A 226 25.46 -9.11 -1.63
CA HIS A 226 25.59 -9.35 -3.07
C HIS A 226 25.90 -10.82 -3.35
N ARG A 227 26.78 -11.41 -2.54
CA ARG A 227 27.07 -12.84 -2.66
C ARG A 227 25.90 -13.70 -2.22
N ARG A 228 24.86 -13.12 -1.64
CA ARG A 228 23.63 -13.85 -1.37
C ARG A 228 22.60 -13.68 -2.47
N SER A 229 22.73 -12.68 -3.32
CA SER A 229 21.72 -12.43 -4.35
C SER A 229 22.03 -13.18 -5.64
N ARG A 230 23.26 -13.09 -6.12
CA ARG A 230 23.65 -13.76 -7.36
C ARG A 230 23.82 -15.26 -7.15
N ALA A 257 24.12 -4.23 -10.30
CA ALA A 257 22.71 -4.00 -10.01
C ALA A 257 22.53 -2.75 -9.15
N GLU A 258 22.13 -2.96 -7.89
CA GLU A 258 21.98 -1.88 -6.92
C GLU A 258 23.17 -1.80 -5.98
N GLU A 259 23.52 -2.90 -5.32
CA GLU A 259 24.67 -2.89 -4.43
C GLU A 259 25.98 -2.65 -5.19
N THR A 260 26.01 -2.84 -6.50
CA THR A 260 27.17 -2.42 -7.27
C THR A 260 27.35 -0.90 -7.20
N ASP A 261 26.27 -0.17 -7.49
CA ASP A 261 26.32 1.28 -7.39
C ASP A 261 26.60 1.72 -5.95
N HIS A 262 26.04 0.99 -4.98
CA HIS A 262 26.28 1.34 -3.58
C HIS A 262 27.76 1.16 -3.20
N LEU A 263 28.37 0.04 -3.60
CA LEU A 263 29.80 -0.14 -3.39
C LEU A 263 30.61 0.96 -4.05
N ILE A 264 30.28 1.30 -5.30
CA ILE A 264 31.07 2.32 -6.00
C ILE A 264 31.00 3.65 -5.26
N LEU A 265 29.78 4.10 -4.94
CA LEU A 265 29.62 5.38 -4.26
C LEU A 265 30.27 5.38 -2.88
N LEU A 266 30.12 4.28 -2.14
CA LEU A 266 30.67 4.23 -0.79
C LEU A 266 32.19 4.18 -0.81
N ALA A 267 32.78 3.49 -1.79
CA ALA A 267 34.22 3.46 -1.90
C ALA A 267 34.77 4.83 -2.28
N ILE A 268 34.08 5.54 -3.17
CA ILE A 268 34.45 6.92 -3.45
C ILE A 268 34.43 7.76 -2.18
N MET A 269 33.32 7.68 -1.43
CA MET A 269 33.21 8.38 -0.15
C MET A 269 34.38 8.07 0.76
N THR A 270 34.71 6.79 0.91
CA THR A 270 35.73 6.37 1.87
C THR A 270 37.11 6.85 1.45
N ILE A 271 37.45 6.69 0.18
CA ILE A 271 38.80 7.08 -0.25
C ILE A 271 38.94 8.61 -0.20
N THR A 272 37.88 9.35 -0.49
CA THR A 272 37.97 10.81 -0.38
C THR A 272 38.10 11.24 1.07
N PHE A 273 37.29 10.66 1.96
CA PHE A 273 37.40 11.02 3.38
C PHE A 273 38.74 10.61 3.96
N ALA A 274 39.37 9.58 3.40
CA ALA A 274 40.66 9.15 3.91
C ALA A 274 41.83 9.93 3.34
N VAL A 275 41.70 10.48 2.13
CA VAL A 275 42.84 11.14 1.50
C VAL A 275 42.96 12.62 1.88
N CYS A 276 41.84 13.30 2.10
CA CYS A 276 41.86 14.75 2.29
C CYS A 276 41.52 15.20 3.70
N SER A 277 41.24 14.26 4.62
CA SER A 277 41.04 14.60 6.01
C SER A 277 42.16 14.14 6.91
N LEU A 278 42.99 13.20 6.45
CA LEU A 278 44.16 12.69 7.16
C LEU A 278 45.34 13.66 7.17
N PRO A 279 45.60 14.43 6.11
CA PRO A 279 46.78 15.32 6.14
C PRO A 279 46.77 16.32 7.28
N PHE A 280 45.62 16.87 7.66
CA PHE A 280 45.63 17.82 8.77
C PHE A 280 45.94 17.11 10.09
N THR A 281 45.37 15.94 10.30
CA THR A 281 45.66 15.18 11.52
C THR A 281 47.13 14.76 11.57
N ILE A 282 47.74 14.47 10.43
CA ILE A 282 49.14 14.08 10.43
C ILE A 282 50.07 15.29 10.48
N PHE A 283 49.58 16.47 10.13
CA PHE A 283 50.35 17.70 10.27
C PHE A 283 50.21 18.34 11.63
N ALA A 284 49.20 17.93 12.41
CA ALA A 284 49.02 18.45 13.76
C ALA A 284 49.88 17.74 14.80
N TYR A 285 50.92 17.04 14.36
CA TYR A 285 51.85 16.35 15.26
C TYR A 285 53.29 16.80 15.07
N MET A 286 53.71 17.07 13.84
CA MET A 286 55.12 17.31 13.55
C MET A 286 55.58 18.65 14.14
N ASN A 287 56.89 18.87 14.08
CA ASN A 287 57.47 20.09 14.64
C ASN A 287 57.29 21.25 13.67
N GLU A 288 57.06 22.44 14.23
CA GLU A 288 56.80 23.64 13.43
C GLU A 288 58.06 24.24 12.81
N THR A 289 59.18 23.53 12.82
CA THR A 289 60.41 24.07 12.25
C THR A 289 60.55 23.75 10.77
N SER A 290 59.92 22.67 10.30
CA SER A 290 60.10 22.24 8.91
C SER A 290 58.88 22.54 8.05
N SER A 291 57.68 22.20 8.52
CA SER A 291 56.48 22.40 7.72
C SER A 291 56.16 23.89 7.56
N ARG A 292 56.52 24.72 8.54
CA ARG A 292 56.33 26.15 8.38
C ARG A 292 57.36 26.75 7.42
N LYS A 293 58.48 26.06 7.20
CA LYS A 293 59.48 26.56 6.27
C LYS A 293 59.10 26.29 4.82
N GLU A 294 58.38 25.20 4.55
CA GLU A 294 58.01 24.81 3.20
C GLU A 294 56.56 25.12 2.87
N LYS A 295 55.82 25.75 3.80
CA LYS A 295 54.45 26.19 3.56
C LYS A 295 53.54 25.02 3.16
N TRP A 296 53.52 23.99 4.00
CA TRP A 296 52.65 22.84 3.78
C TRP A 296 51.41 22.84 4.67
N ASP A 297 51.44 23.55 5.79
CA ASP A 297 50.27 23.58 6.68
C ASP A 297 49.05 24.15 5.98
N LEU A 298 49.26 25.18 5.14
CA LEU A 298 48.14 25.79 4.44
C LEU A 298 47.48 24.80 3.49
N GLN A 299 48.27 24.04 2.74
CA GLN A 299 47.70 23.05 1.83
C GLN A 299 47.05 21.91 2.61
N ALA A 300 47.66 21.51 3.73
CA ALA A 300 47.06 20.46 4.55
C ALA A 300 45.71 20.90 5.09
N LEU A 301 45.56 22.19 5.38
CA LEU A 301 44.25 22.69 5.82
C LEU A 301 43.29 22.82 4.65
N ARG A 302 43.79 23.22 3.48
CA ARG A 302 42.96 23.28 2.29
C ARG A 302 42.39 21.92 1.93
N PHE A 303 43.13 20.86 2.23
CA PHE A 303 42.63 19.51 1.97
C PHE A 303 41.37 19.23 2.76
N LEU A 304 41.23 19.81 3.95
CA LEU A 304 39.99 19.67 4.70
C LEU A 304 38.82 20.34 3.98
N SER A 305 39.06 21.51 3.40
CA SER A 305 38.00 22.21 2.67
C SER A 305 37.53 21.45 1.45
N ILE A 306 38.39 20.60 0.87
CA ILE A 306 37.98 19.82 -0.28
C ILE A 306 36.84 18.87 0.09
N ASN A 307 36.92 18.25 1.26
CA ASN A 307 35.83 17.37 1.67
C ASN A 307 34.57 18.16 1.96
N SER A 308 34.70 19.37 2.52
CA SER A 308 33.53 20.20 2.74
C SER A 308 32.86 20.59 1.43
N ILE A 309 33.65 20.77 0.38
CA ILE A 309 33.08 21.00 -0.95
C ILE A 309 32.43 19.73 -1.48
N ILE A 310 33.07 18.58 -1.26
CA ILE A 310 32.71 17.36 -1.95
C ILE A 310 31.44 16.75 -1.36
N ASP A 311 31.32 16.68 -0.04
CA ASP A 311 30.24 15.92 0.58
C ASP A 311 28.85 16.23 0.03
N PRO A 312 28.47 17.49 -0.24
CA PRO A 312 27.16 17.70 -0.88
C PRO A 312 27.04 17.01 -2.22
N TRP A 313 28.09 17.06 -3.05
CA TRP A 313 28.08 16.36 -4.32
C TRP A 313 27.86 14.87 -4.13
N VAL A 314 28.78 14.20 -3.44
CA VAL A 314 28.80 12.75 -3.34
C VAL A 314 27.64 12.24 -2.49
N PHE A 315 26.94 13.16 -1.81
CA PHE A 315 25.86 12.79 -0.91
C PHE A 315 24.47 13.06 -1.47
N ALA A 316 24.31 14.06 -2.34
CA ALA A 316 22.98 14.41 -2.84
C ALA A 316 22.87 14.53 -4.34
N ILE A 317 23.98 14.47 -5.09
CA ILE A 317 23.92 14.59 -6.54
C ILE A 317 24.22 13.24 -7.18
N LEU A 318 25.40 12.69 -6.91
CA LEU A 318 25.84 11.44 -7.53
C LEU A 318 25.25 10.24 -6.80
N ARG A 319 23.91 10.22 -6.76
CA ARG A 319 23.14 9.15 -6.13
C ARG A 319 23.22 7.85 -6.92
N PRO A 320 23.05 6.70 -6.24
CA PRO A 320 23.15 5.41 -6.93
C PRO A 320 22.30 5.35 -8.19
N PRO A 321 21.07 5.93 -8.23
CA PRO A 321 20.35 5.94 -9.50
C PRO A 321 21.07 6.75 -10.58
N VAL A 322 21.57 7.92 -10.19
CA VAL A 322 22.30 8.77 -11.14
C VAL A 322 23.56 8.07 -11.62
N LEU A 323 24.21 7.31 -10.74
CA LEU A 323 25.42 6.61 -11.15
C LEU A 323 25.10 5.42 -12.04
N ARG A 324 23.96 4.77 -11.80
CA ARG A 324 23.51 3.73 -12.72
C ARG A 324 23.21 4.30 -14.09
N LEU A 325 22.61 5.49 -14.14
CA LEU A 325 22.39 6.17 -15.42
C LEU A 325 23.72 6.48 -16.10
N MET A 326 24.69 6.98 -15.33
CA MET A 326 26.00 7.30 -15.89
C MET A 326 26.74 6.07 -16.38
N ARG A 327 26.56 4.92 -15.73
CA ARG A 327 27.15 3.67 -16.20
C ARG A 327 26.41 3.08 -17.39
N SER A 328 25.10 3.34 -17.49
CA SER A 328 24.35 2.95 -18.68
C SER A 328 24.71 3.80 -19.89
N VAL A 329 25.12 5.05 -19.66
CA VAL A 329 25.65 5.87 -20.75
C VAL A 329 26.98 5.30 -21.22
N LEU A 330 27.86 4.99 -20.28
CA LEU A 330 29.15 4.34 -20.57
C LEU A 330 29.98 5.11 -21.59
N GLN B 12 -16.23 24.91 32.27
CA GLN B 12 -15.76 25.21 30.91
C GLN B 12 -14.25 24.99 30.80
N ARG B 13 -13.48 25.75 31.57
CA ARG B 13 -12.02 25.61 31.54
C ARG B 13 -11.59 24.30 32.19
N ASN B 14 -12.30 23.86 33.23
CA ASN B 14 -11.94 22.61 33.90
C ASN B 14 -12.17 21.41 32.99
N GLU B 15 -13.22 21.44 32.16
CA GLU B 15 -13.42 20.36 31.20
C GLU B 15 -12.33 20.38 30.13
N GLU B 16 -11.92 21.58 29.70
CA GLU B 16 -10.80 21.70 28.78
C GLU B 16 -9.54 21.06 29.35
N LYS B 17 -9.24 21.33 30.62
CA LYS B 17 -8.03 20.79 31.22
C LYS B 17 -8.15 19.29 31.47
N ALA B 18 -9.33 18.81 31.87
CA ALA B 18 -9.51 17.38 32.07
C ALA B 18 -9.40 16.63 30.74
N GLN B 19 -9.89 17.23 29.65
CA GLN B 19 -9.74 16.63 28.34
C GLN B 19 -8.27 16.59 27.93
N ARG B 20 -7.52 17.66 28.19
CA ARG B 20 -6.09 17.64 27.91
C ARG B 20 -5.38 16.55 28.72
N GLU B 21 -5.79 16.37 29.97
CA GLU B 21 -5.19 15.32 30.81
C GLU B 21 -5.48 13.94 30.26
N ALA B 22 -6.74 13.70 29.86
CA ALA B 22 -7.11 12.42 29.28
C ALA B 22 -6.33 12.16 28.00
N ASN B 23 -6.18 13.18 27.15
CA ASN B 23 -5.39 13.01 25.93
C ASN B 23 -3.93 12.71 26.26
N LYS B 24 -3.40 13.33 27.32
CA LYS B 24 -2.03 13.06 27.71
C LYS B 24 -1.84 11.61 28.13
N LYS B 25 -2.79 11.09 28.92
CA LYS B 25 -2.71 9.68 29.32
C LYS B 25 -2.84 8.75 28.12
N ILE B 26 -3.75 9.08 27.20
CA ILE B 26 -3.92 8.27 25.99
C ILE B 26 -2.62 8.23 25.20
N GLU B 27 -1.96 9.38 25.05
CA GLU B 27 -0.69 9.43 24.32
C GLU B 27 0.37 8.63 25.05
N LYS B 28 0.38 8.69 26.39
CA LYS B 28 1.36 7.95 27.17
C LYS B 28 1.24 6.45 26.93
N GLN B 29 0.00 5.95 26.85
CA GLN B 29 -0.18 4.53 26.54
C GLN B 29 0.10 4.20 25.07
N LEU B 30 -0.24 5.13 24.17
CA LEU B 30 0.04 4.90 22.76
C LEU B 30 1.53 4.82 22.49
N GLN B 31 2.34 5.47 23.31
CA GLN B 31 3.79 5.37 23.13
C GLN B 31 4.30 3.95 23.43
N LYS B 32 3.84 3.36 24.53
CA LYS B 32 4.18 1.97 24.80
C LYS B 32 3.67 1.05 23.70
N ASP B 33 2.45 1.29 23.22
CA ASP B 33 1.91 0.47 22.15
C ASP B 33 2.75 0.58 20.89
N LYS B 34 3.16 1.80 20.53
CA LYS B 34 4.04 1.99 19.38
C LYS B 34 5.39 1.31 19.60
N GLN B 35 5.85 1.27 20.85
CA GLN B 35 7.10 0.58 21.15
C GLN B 35 6.98 -0.92 20.90
N VAL B 36 5.87 -1.52 21.32
CA VAL B 36 5.74 -2.97 21.13
C VAL B 36 5.38 -3.31 19.69
N TYR B 37 4.76 -2.38 18.95
CA TYR B 37 4.30 -2.66 17.60
C TYR B 37 5.46 -2.70 16.60
N ARG B 38 6.44 -1.83 16.75
CA ARG B 38 7.57 -1.81 15.82
C ARG B 38 8.52 -2.99 16.02
N ALA B 39 8.40 -3.70 17.12
CA ALA B 39 9.32 -4.78 17.43
C ALA B 39 8.93 -6.11 16.80
N THR B 40 7.65 -6.30 16.47
CA THR B 40 7.17 -7.55 15.91
C THR B 40 7.07 -7.46 14.39
N HIS B 41 7.25 -8.60 13.74
CA HIS B 41 7.20 -8.70 12.28
C HIS B 41 6.04 -9.61 11.88
N ARG B 42 5.10 -9.07 11.13
CA ARG B 42 3.94 -9.83 10.72
C ARG B 42 4.15 -10.48 9.39
N LEU B 43 3.90 -11.79 9.35
CA LEU B 43 4.08 -12.60 8.15
C LEU B 43 2.74 -13.20 7.77
N LEU B 44 2.48 -13.29 6.47
CA LEU B 44 1.23 -13.88 5.98
C LEU B 44 1.53 -15.26 5.42
N LEU B 45 1.10 -16.31 6.14
CA LEU B 45 1.25 -17.67 5.66
C LEU B 45 0.08 -17.99 4.73
N LEU B 46 0.37 -18.06 3.43
CA LEU B 46 -0.67 -18.21 2.40
C LEU B 46 -0.37 -19.46 1.59
N GLY B 47 -0.89 -20.60 2.05
CA GLY B 47 -0.75 -21.82 1.30
C GLY B 47 -1.71 -21.87 0.12
N ALA B 48 -1.28 -22.53 -0.94
CA ALA B 48 -2.10 -22.68 -2.14
C ALA B 48 -3.37 -23.48 -1.89
N GLY B 49 -3.46 -24.20 -0.79
CA GLY B 49 -4.62 -25.03 -0.51
C GLY B 49 -4.34 -26.50 -0.77
N GLU B 50 -4.83 -27.36 0.11
CA GLU B 50 -4.62 -28.81 0.02
C GLU B 50 -3.14 -29.16 0.05
N SER B 51 -2.32 -28.31 0.67
CA SER B 51 -0.87 -28.46 0.66
C SER B 51 -0.35 -29.21 1.88
N GLY B 52 -1.24 -29.66 2.77
CA GLY B 52 -0.82 -30.31 3.99
C GLY B 52 0.06 -29.44 4.87
N LYS B 53 0.08 -28.14 4.61
CA LYS B 53 0.91 -27.21 5.37
C LYS B 53 0.48 -27.07 6.82
N ASN B 54 -0.64 -27.69 7.22
CA ASN B 54 -1.00 -27.74 8.63
C ASN B 54 0.07 -28.44 9.45
N THR B 55 0.67 -29.49 8.88
CA THR B 55 1.72 -30.21 9.58
C THR B 55 2.93 -29.33 9.85
N ILE B 56 3.36 -28.55 8.87
CA ILE B 56 4.56 -27.74 9.07
C ILE B 56 4.25 -26.53 9.93
N VAL B 57 3.07 -25.92 9.75
CA VAL B 57 2.72 -24.82 10.65
C VAL B 57 2.54 -25.33 12.07
N LYS B 58 2.31 -26.64 12.24
CA LYS B 58 2.42 -27.26 13.54
C LYS B 58 3.88 -27.36 13.99
N GLN B 59 4.75 -27.79 13.09
CA GLN B 59 6.18 -27.91 13.42
C GLN B 59 6.96 -26.65 13.06
N MET B 60 6.38 -25.78 12.24
CA MET B 60 7.05 -24.56 11.84
C MET B 60 6.86 -23.46 12.88
N SER B 205 -11.83 -17.91 14.45
CA SER B 205 -11.92 -18.94 13.44
C SER B 205 -11.75 -18.35 12.04
N GLY B 206 -11.93 -17.03 11.93
CA GLY B 206 -11.74 -16.38 10.65
C GLY B 206 -10.29 -16.24 10.26
N ILE B 207 -9.40 -16.18 11.25
CA ILE B 207 -7.96 -16.08 10.99
C ILE B 207 -7.20 -16.58 12.21
N PHE B 208 -6.20 -17.44 11.99
CA PHE B 208 -5.38 -17.99 13.04
C PHE B 208 -4.03 -17.28 13.08
N GLU B 209 -3.43 -17.25 14.27
CA GLU B 209 -2.20 -16.53 14.50
C GLU B 209 -1.23 -17.41 15.27
N THR B 210 0.03 -17.39 14.83
CA THR B 210 1.09 -18.20 15.42
C THR B 210 2.30 -17.35 15.71
N LYS B 211 2.73 -17.32 16.96
CA LYS B 211 3.86 -16.51 17.37
C LYS B 211 5.10 -17.39 17.54
N PHE B 212 6.23 -16.92 17.02
CA PHE B 212 7.49 -17.57 17.31
C PHE B 212 8.57 -16.51 17.47
N GLN B 213 9.77 -16.95 17.88
CA GLN B 213 10.84 -16.05 18.25
C GLN B 213 12.17 -16.64 17.81
N VAL B 214 12.95 -15.85 17.08
CA VAL B 214 14.26 -16.25 16.58
C VAL B 214 15.24 -15.13 16.89
N ASP B 215 16.30 -15.46 17.63
CA ASP B 215 17.31 -14.48 18.03
C ASP B 215 16.69 -13.30 18.75
N LYS B 216 15.70 -13.58 19.61
CA LYS B 216 14.97 -12.59 20.39
C LYS B 216 14.19 -11.62 19.52
N VAL B 217 13.95 -11.97 18.26
CA VAL B 217 13.07 -11.21 17.38
C VAL B 217 11.76 -11.97 17.27
N ASN B 218 10.64 -11.26 17.42
CA ASN B 218 9.31 -11.88 17.47
C ASN B 218 8.64 -11.80 16.11
N PHE B 219 8.09 -12.93 15.67
CA PHE B 219 7.35 -13.02 14.42
C PHE B 219 5.93 -13.50 14.71
N HIS B 220 4.97 -12.86 14.05
CA HIS B 220 3.56 -13.23 14.08
C HIS B 220 3.16 -13.67 12.68
N MET B 221 2.76 -14.94 12.54
CA MET B 221 2.38 -15.51 11.25
C MET B 221 0.87 -15.73 11.25
N PHE B 222 0.21 -15.17 10.25
CA PHE B 222 -1.24 -15.26 10.15
C PHE B 222 -1.64 -16.21 9.04
N ASP B 223 -2.70 -16.95 9.31
CA ASP B 223 -3.25 -17.89 8.34
C ASP B 223 -4.76 -17.67 8.30
N VAL B 224 -5.31 -17.46 7.11
CA VAL B 224 -6.75 -17.27 7.01
C VAL B 224 -7.45 -18.62 7.11
N GLY B 225 -8.47 -18.68 7.94
CA GLY B 225 -9.21 -19.90 8.18
C GLY B 225 -10.54 -19.92 7.47
N ALA B 226 -11.62 -19.61 8.20
CA ALA B 226 -12.95 -19.58 7.62
C ALA B 226 -13.13 -18.37 6.72
N GLN B 227 -12.48 -18.38 5.56
CA GLN B 227 -12.70 -17.37 4.53
C GLN B 227 -13.22 -18.06 3.28
N ARG B 228 -13.96 -17.32 2.47
CA ARG B 228 -14.52 -17.88 1.25
C ARG B 228 -13.43 -18.02 0.19
N ASP B 229 -13.80 -18.57 -0.96
CA ASP B 229 -12.81 -18.95 -1.96
C ASP B 229 -12.17 -17.74 -2.61
N GLU B 230 -12.95 -16.70 -2.90
CA GLU B 230 -12.43 -15.52 -3.55
C GLU B 230 -11.63 -14.68 -2.56
N ARG B 231 -10.48 -14.17 -3.02
CA ARG B 231 -9.52 -13.52 -2.13
C ARG B 231 -8.97 -12.22 -2.69
N ARG B 232 -9.65 -11.62 -3.66
CA ARG B 232 -9.16 -10.38 -4.24
C ARG B 232 -9.50 -9.15 -3.41
N LYS B 233 -10.18 -9.31 -2.28
CA LYS B 233 -10.57 -8.19 -1.44
C LYS B 233 -9.93 -8.23 -0.07
N TRP B 234 -9.95 -9.36 0.61
CA TRP B 234 -9.36 -9.42 1.94
C TRP B 234 -7.84 -9.53 1.91
N ILE B 235 -7.23 -9.76 0.75
CA ILE B 235 -5.78 -9.84 0.71
C ILE B 235 -5.14 -8.46 0.70
N GLN B 236 -5.88 -7.43 0.31
CA GLN B 236 -5.34 -6.07 0.34
C GLN B 236 -4.99 -5.60 1.75
N CYS B 237 -5.41 -6.35 2.78
CA CYS B 237 -5.03 -6.02 4.14
C CYS B 237 -3.58 -6.38 4.44
N PHE B 238 -2.95 -7.18 3.60
CA PHE B 238 -1.61 -7.70 3.87
C PHE B 238 -0.55 -7.09 2.96
N ASN B 239 -0.66 -5.79 2.69
CA ASN B 239 0.38 -5.12 1.91
C ASN B 239 1.52 -4.60 2.77
N ASP B 240 1.25 -4.25 4.03
CA ASP B 240 2.29 -3.80 4.95
C ASP B 240 3.01 -4.96 5.62
N VAL B 241 2.56 -6.19 5.39
CA VAL B 241 3.27 -7.36 5.89
C VAL B 241 4.69 -7.40 5.34
N THR B 242 5.62 -7.89 6.16
CA THR B 242 7.02 -7.93 5.71
C THR B 242 7.29 -9.07 4.75
N ALA B 243 6.53 -10.17 4.83
CA ALA B 243 6.74 -11.27 3.91
C ALA B 243 5.48 -12.11 3.80
N ILE B 244 5.18 -12.52 2.57
CA ILE B 244 4.15 -13.53 2.30
C ILE B 244 4.87 -14.85 2.14
N ILE B 245 4.65 -15.77 3.07
CA ILE B 245 5.19 -17.12 2.96
C ILE B 245 4.22 -17.93 2.11
N PHE B 246 4.73 -18.46 1.00
CA PHE B 246 3.92 -19.13 -0.01
C PHE B 246 4.33 -20.59 -0.03
N VAL B 247 3.47 -21.46 0.46
CA VAL B 247 3.75 -22.89 0.50
C VAL B 247 3.14 -23.53 -0.74
N VAL B 248 3.98 -24.23 -1.51
CA VAL B 248 3.59 -24.78 -2.80
C VAL B 248 3.50 -26.29 -2.67
N ALA B 249 2.31 -26.83 -2.90
CA ALA B 249 2.08 -28.27 -2.99
C ALA B 249 2.50 -28.71 -4.38
N SER B 250 3.76 -29.12 -4.50
CA SER B 250 4.38 -29.28 -5.82
C SER B 250 3.76 -30.44 -6.59
N SER B 251 3.78 -31.64 -6.02
CA SER B 251 3.49 -32.84 -6.80
C SER B 251 1.99 -33.12 -6.87
N SER B 252 1.27 -32.93 -5.77
CA SER B 252 -0.09 -33.45 -5.66
C SER B 252 -1.04 -32.79 -6.65
N TYR B 253 -1.43 -33.53 -7.68
CA TYR B 253 -2.42 -33.06 -8.64
C TYR B 253 -3.58 -34.05 -8.76
N ASN B 264 -4.32 -30.35 -11.37
CA ASN B 264 -3.10 -29.60 -11.68
C ASN B 264 -2.90 -28.49 -10.66
N ARG B 265 -2.51 -28.85 -9.45
CA ARG B 265 -2.35 -27.87 -8.38
C ARG B 265 -1.10 -27.02 -8.54
N LEU B 266 -0.08 -27.52 -9.24
CA LEU B 266 1.12 -26.72 -9.44
C LEU B 266 0.82 -25.52 -10.34
N GLN B 267 0.02 -25.71 -11.38
CA GLN B 267 -0.36 -24.59 -12.24
C GLN B 267 -1.25 -23.60 -11.50
N ALA B 268 -2.12 -24.09 -10.60
CA ALA B 268 -2.93 -23.19 -9.79
C ALA B 268 -2.06 -22.37 -8.87
N ALA B 269 -1.02 -22.98 -8.28
CA ALA B 269 -0.09 -22.23 -7.45
C ALA B 269 0.68 -21.21 -8.27
N LEU B 270 1.07 -21.58 -9.49
CA LEU B 270 1.77 -20.63 -10.35
C LEU B 270 0.88 -19.44 -10.69
N LYS B 271 -0.41 -19.69 -10.95
CA LYS B 271 -1.32 -18.59 -11.28
C LYS B 271 -1.58 -17.71 -10.08
N LEU B 272 -1.72 -18.29 -8.89
CA LEU B 272 -1.88 -17.49 -7.68
C LEU B 272 -0.64 -16.64 -7.42
N PHE B 273 0.55 -17.22 -7.60
CA PHE B 273 1.79 -16.47 -7.41
C PHE B 273 1.91 -15.35 -8.43
N ASP B 274 1.51 -15.60 -9.67
CA ASP B 274 1.55 -14.56 -10.69
C ASP B 274 0.56 -13.45 -10.41
N SER B 275 -0.58 -13.76 -9.80
CA SER B 275 -1.55 -12.73 -9.44
C SER B 275 -1.06 -11.91 -8.25
N ILE B 276 -0.43 -12.55 -7.26
CA ILE B 276 0.08 -11.82 -6.12
C ILE B 276 1.26 -10.95 -6.52
N TRP B 277 2.10 -11.45 -7.43
CA TRP B 277 3.29 -10.71 -7.83
C TRP B 277 2.94 -9.43 -8.56
N ASN B 278 1.91 -9.45 -9.40
CA ASN B 278 1.57 -8.33 -10.26
C ASN B 278 0.46 -7.47 -9.72
N ASN B 279 -0.02 -7.71 -8.51
CA ASN B 279 -1.08 -6.91 -7.94
C ASN B 279 -0.57 -5.51 -7.59
N LYS B 280 -1.45 -4.52 -7.73
CA LYS B 280 -1.05 -3.13 -7.52
C LYS B 280 -0.66 -2.85 -6.08
N TRP B 281 -1.31 -3.50 -5.11
CA TRP B 281 -1.06 -3.21 -3.71
C TRP B 281 -0.01 -4.11 -3.10
N LEU B 282 0.05 -5.37 -3.52
CA LEU B 282 1.11 -6.28 -3.10
C LEU B 282 2.36 -6.16 -3.96
N ARG B 283 2.51 -5.04 -4.66
CA ARG B 283 3.64 -4.84 -5.56
C ARG B 283 4.93 -4.51 -4.81
N ASP B 284 4.86 -4.25 -3.50
CA ASP B 284 6.04 -3.95 -2.72
C ASP B 284 6.31 -4.98 -1.64
N THR B 285 5.54 -6.06 -1.58
CA THR B 285 5.69 -7.11 -0.58
C THR B 285 6.52 -8.25 -1.16
N SER B 286 7.41 -8.79 -0.35
CA SER B 286 8.28 -9.87 -0.78
C SER B 286 7.65 -11.23 -0.45
N VAL B 287 8.06 -12.25 -1.19
CA VAL B 287 7.49 -13.57 -1.10
C VAL B 287 8.59 -14.57 -0.77
N ILE B 288 8.39 -15.33 0.29
CA ILE B 288 9.28 -16.42 0.67
C ILE B 288 8.62 -17.71 0.25
N LEU B 289 9.24 -18.44 -0.66
CA LEU B 289 8.60 -19.53 -1.38
C LEU B 289 9.12 -20.86 -0.86
N PHE B 290 8.25 -21.65 -0.23
CA PHE B 290 8.60 -22.96 0.31
C PHE B 290 7.90 -24.02 -0.51
N LEU B 291 8.66 -24.80 -1.27
CA LEU B 291 8.11 -25.86 -2.09
C LEU B 291 7.99 -27.12 -1.24
N ASN B 292 6.83 -27.29 -0.62
CA ASN B 292 6.62 -28.34 0.37
C ASN B 292 6.41 -29.68 -0.34
N LYS B 293 6.33 -30.76 0.45
CA LYS B 293 6.03 -32.10 -0.04
C LYS B 293 7.08 -32.57 -1.04
N GLN B 294 8.34 -32.21 -0.79
CA GLN B 294 9.40 -32.52 -1.74
C GLN B 294 9.64 -34.02 -1.86
N ASP B 295 9.48 -34.78 -0.77
CA ASP B 295 9.77 -36.21 -0.83
C ASP B 295 8.64 -36.99 -1.51
N LEU B 296 7.39 -36.55 -1.36
CA LEU B 296 6.32 -37.15 -2.14
C LEU B 296 6.62 -37.07 -3.62
N LEU B 297 7.01 -35.88 -4.09
CA LEU B 297 7.43 -35.71 -5.48
C LEU B 297 8.67 -36.55 -5.78
N ALA B 298 9.57 -36.70 -4.79
CA ALA B 298 10.78 -37.48 -5.00
C ALA B 298 10.46 -38.92 -5.36
N GLU B 299 9.70 -39.61 -4.50
CA GLU B 299 9.31 -40.98 -4.82
C GLU B 299 8.38 -41.03 -6.04
N LYS B 300 7.59 -39.98 -6.26
CA LYS B 300 6.70 -39.95 -7.42
C LYS B 300 7.49 -40.00 -8.72
N VAL B 301 8.56 -39.22 -8.82
CA VAL B 301 9.37 -39.21 -10.03
C VAL B 301 10.35 -40.38 -10.07
N LEU B 302 10.75 -40.91 -8.91
CA LEU B 302 11.59 -42.11 -8.89
C LEU B 302 10.82 -43.32 -9.42
N ALA B 303 9.52 -43.41 -9.09
CA ALA B 303 8.72 -44.53 -9.54
C ALA B 303 8.50 -44.54 -11.05
N GLY B 304 8.71 -43.41 -11.73
CA GLY B 304 8.49 -43.34 -13.16
C GLY B 304 7.06 -43.50 -13.59
N LYS B 305 6.10 -43.39 -12.65
CA LYS B 305 4.69 -43.51 -12.95
C LYS B 305 3.91 -42.22 -12.70
N SER B 306 4.12 -41.58 -11.56
CA SER B 306 3.46 -40.33 -11.22
C SER B 306 4.17 -39.21 -11.95
N LYS B 307 3.92 -39.11 -13.25
CA LYS B 307 4.60 -38.12 -14.09
C LYS B 307 3.93 -36.77 -13.97
N ILE B 308 4.74 -35.71 -14.08
CA ILE B 308 4.22 -34.35 -14.17
C ILE B 308 4.29 -33.80 -15.58
N GLU B 309 4.96 -34.50 -16.50
CA GLU B 309 5.09 -34.00 -17.87
C GLU B 309 3.77 -34.05 -18.62
N ASP B 310 2.80 -34.85 -18.15
CA ASP B 310 1.46 -34.78 -18.70
C ASP B 310 0.81 -33.43 -18.49
N TYR B 311 1.27 -32.69 -17.47
CA TYR B 311 0.81 -31.33 -17.22
C TYR B 311 1.80 -30.28 -17.67
N PHE B 312 3.09 -30.60 -17.67
CA PHE B 312 4.14 -29.70 -18.15
C PHE B 312 4.89 -30.42 -19.26
N PRO B 313 4.48 -30.28 -20.51
CA PRO B 313 5.13 -31.03 -21.60
C PRO B 313 6.58 -30.65 -21.80
N GLU B 314 6.96 -29.42 -21.47
CA GLU B 314 8.34 -28.97 -21.62
C GLU B 314 9.25 -29.47 -20.50
N PHE B 315 8.78 -30.43 -19.70
CA PHE B 315 9.64 -31.01 -18.67
C PHE B 315 10.84 -31.71 -19.30
N ALA B 316 10.60 -32.52 -20.33
CA ALA B 316 11.69 -32.98 -21.18
C ALA B 316 12.26 -31.80 -21.95
N ARG B 317 13.50 -31.96 -22.41
CA ARG B 317 14.35 -30.93 -23.03
C ARG B 317 14.89 -29.99 -21.96
N TYR B 318 14.61 -30.23 -20.69
CA TYR B 318 15.11 -29.40 -19.59
C TYR B 318 16.23 -30.16 -18.88
N THR B 319 17.40 -29.53 -18.80
CA THR B 319 18.57 -30.14 -18.19
C THR B 319 18.91 -29.41 -16.89
N THR B 320 19.21 -30.18 -15.85
CA THR B 320 19.72 -29.59 -14.62
C THR B 320 21.06 -28.91 -14.90
N PRO B 321 21.22 -27.65 -14.52
CA PRO B 321 22.48 -26.95 -14.84
C PRO B 321 23.67 -27.58 -14.15
N GLU B 322 24.87 -27.27 -14.67
CA GLU B 322 26.10 -27.71 -14.02
C GLU B 322 26.26 -27.09 -12.64
N ASP B 323 25.60 -25.95 -12.41
CA ASP B 323 25.46 -25.38 -11.08
C ASP B 323 24.34 -26.13 -10.36
N ALA B 324 23.80 -25.54 -9.29
CA ALA B 324 22.65 -26.10 -8.57
C ALA B 324 23.01 -27.43 -7.93
N THR B 325 23.95 -27.34 -6.99
CA THR B 325 24.41 -28.50 -6.24
C THR B 325 23.22 -29.25 -5.62
N PRO B 326 23.12 -30.56 -5.85
CA PRO B 326 22.06 -31.34 -5.21
C PRO B 326 22.51 -31.92 -3.88
N GLU B 327 21.56 -32.54 -3.20
CA GLU B 327 21.86 -33.25 -1.96
C GLU B 327 22.39 -34.64 -2.29
N PRO B 328 23.38 -35.14 -1.53
CA PRO B 328 23.91 -36.49 -1.83
C PRO B 328 22.91 -37.60 -1.64
N GLY B 329 21.82 -37.36 -0.91
CA GLY B 329 20.78 -38.36 -0.74
C GLY B 329 19.68 -38.23 -1.78
N GLU B 330 20.01 -37.64 -2.92
CA GLU B 330 19.06 -37.41 -4.00
C GLU B 330 19.49 -38.16 -5.25
N ASP B 331 18.56 -38.28 -6.18
CA ASP B 331 18.64 -38.78 -7.55
C ASP B 331 18.65 -37.62 -8.52
N PRO B 332 19.41 -37.69 -9.61
CA PRO B 332 19.38 -36.60 -10.61
C PRO B 332 17.98 -36.20 -11.06
N ARG B 333 17.03 -37.13 -11.10
CA ARG B 333 15.71 -36.80 -11.62
C ARG B 333 14.88 -36.02 -10.61
N VAL B 334 15.00 -36.33 -9.31
CA VAL B 334 14.30 -35.54 -8.30
C VAL B 334 14.84 -34.11 -8.27
N THR B 335 16.17 -33.97 -8.30
CA THR B 335 16.78 -32.66 -8.41
C THR B 335 16.32 -31.94 -9.67
N ARG B 336 16.18 -32.69 -10.76
CA ARG B 336 15.69 -32.11 -12.01
C ARG B 336 14.29 -31.54 -11.85
N ALA B 337 13.40 -32.31 -11.22
CA ALA B 337 12.03 -31.85 -11.04
C ALA B 337 11.96 -30.63 -10.12
N LYS B 338 12.71 -30.67 -9.01
CA LYS B 338 12.69 -29.55 -8.08
C LYS B 338 13.21 -28.28 -8.74
N TYR B 339 14.29 -28.38 -9.52
CA TYR B 339 14.81 -27.19 -10.16
C TYR B 339 13.94 -26.74 -11.32
N PHE B 340 13.22 -27.66 -11.96
CA PHE B 340 12.23 -27.27 -12.95
C PHE B 340 11.15 -26.40 -12.32
N ILE B 341 10.64 -26.83 -11.16
CA ILE B 341 9.62 -26.04 -10.46
C ILE B 341 10.20 -24.69 -10.04
N ARG B 342 11.43 -24.69 -9.52
CA ARG B 342 12.04 -23.43 -9.10
C ARG B 342 12.16 -22.47 -10.26
N ASP B 343 12.57 -22.95 -11.44
CA ASP B 343 12.70 -22.06 -12.58
C ASP B 343 11.34 -21.64 -13.12
N GLU B 344 10.33 -22.50 -13.01
CA GLU B 344 8.98 -22.10 -13.38
C GLU B 344 8.49 -20.93 -12.54
N PHE B 345 8.81 -20.93 -11.25
CA PHE B 345 8.42 -19.80 -10.42
C PHE B 345 9.31 -18.58 -10.64
N LEU B 346 10.60 -18.79 -10.89
CA LEU B 346 11.51 -17.66 -11.10
C LEU B 346 11.27 -16.97 -12.43
N ARG B 347 10.68 -17.66 -13.42
CA ARG B 347 10.29 -16.99 -14.65
C ARG B 347 9.30 -15.87 -14.36
N ILE B 348 8.22 -16.19 -13.64
CA ILE B 348 7.26 -15.18 -13.23
C ILE B 348 7.92 -14.13 -12.34
N SER B 349 8.80 -14.58 -11.44
CA SER B 349 9.41 -13.64 -10.50
C SER B 349 10.28 -12.60 -11.21
N THR B 350 11.03 -13.01 -12.22
CA THR B 350 11.93 -12.09 -12.92
C THR B 350 11.33 -11.33 -14.10
N ALA B 351 10.23 -11.84 -14.64
CA ALA B 351 9.60 -11.21 -15.80
C ALA B 351 8.96 -9.86 -15.51
N SER B 352 8.68 -9.59 -14.24
CA SER B 352 8.06 -8.32 -13.86
C SER B 352 8.88 -7.47 -12.88
N GLY B 353 9.09 -6.22 -13.26
CA GLY B 353 9.85 -5.27 -12.44
C GLY B 353 9.03 -4.14 -11.87
N ASP B 354 7.70 -4.28 -11.90
CA ASP B 354 6.78 -3.24 -11.43
C ASP B 354 6.89 -2.84 -9.95
N GLY B 355 7.14 -3.80 -9.08
CA GLY B 355 7.25 -3.53 -7.67
C GLY B 355 8.65 -3.82 -7.19
N ARG B 356 9.12 -3.01 -6.25
CA ARG B 356 10.45 -3.22 -5.70
C ARG B 356 10.34 -4.27 -4.61
N HIS B 357 10.28 -5.53 -5.04
CA HIS B 357 10.14 -6.65 -4.13
C HIS B 357 10.95 -7.82 -4.67
N TYR B 358 11.08 -8.87 -3.85
CA TYR B 358 11.95 -9.98 -4.17
C TYR B 358 11.25 -11.29 -3.83
N CYS B 359 11.79 -12.38 -4.39
CA CYS B 359 11.29 -13.72 -4.15
C CYS B 359 12.44 -14.59 -3.67
N TYR B 360 12.24 -15.29 -2.56
CA TYR B 360 13.26 -16.15 -1.97
C TYR B 360 12.79 -17.59 -2.03
N PRO B 361 13.13 -18.33 -3.08
CA PRO B 361 12.67 -19.71 -3.20
C PRO B 361 13.53 -20.67 -2.39
N HIS B 362 12.86 -21.64 -1.77
CA HIS B 362 13.55 -22.66 -0.99
C HIS B 362 13.02 -24.05 -1.33
N PHE B 363 13.46 -25.06 -0.57
CA PHE B 363 12.88 -26.39 -0.60
C PHE B 363 12.67 -26.83 0.85
N THR B 364 11.54 -27.45 1.13
CA THR B 364 11.25 -27.89 2.49
C THR B 364 10.26 -29.04 2.45
N CYS B 365 10.08 -29.66 3.62
CA CYS B 365 9.11 -30.73 3.83
C CYS B 365 8.89 -30.83 5.33
N ALA B 366 8.30 -31.96 5.77
CA ALA B 366 8.24 -32.28 7.18
C ALA B 366 9.53 -32.87 7.72
N VAL B 367 10.62 -32.76 6.97
CA VAL B 367 11.90 -33.31 7.38
C VAL B 367 12.85 -32.22 7.87
N ASP B 368 12.85 -31.06 7.21
CA ASP B 368 13.66 -29.93 7.65
C ASP B 368 12.88 -29.10 8.65
N THR B 369 13.41 -28.97 9.85
CA THR B 369 12.75 -28.25 10.93
C THR B 369 13.33 -26.87 11.18
N GLU B 370 14.32 -26.44 10.39
CA GLU B 370 14.96 -25.16 10.56
C GLU B 370 14.41 -24.10 9.61
N ASN B 371 13.13 -24.19 9.28
CA ASN B 371 12.53 -23.23 8.36
C ASN B 371 12.38 -21.85 9.00
N ILE B 372 12.30 -21.77 10.32
CA ILE B 372 12.21 -20.45 10.95
C ILE B 372 13.54 -19.71 10.83
N ARG B 373 14.66 -20.43 10.79
CA ARG B 373 15.94 -19.79 10.54
C ARG B 373 15.98 -19.20 9.13
N ARG B 374 15.40 -19.91 8.16
CA ARG B 374 15.33 -19.38 6.79
C ARG B 374 14.43 -18.16 6.72
N VAL B 375 13.27 -18.22 7.40
CA VAL B 375 12.39 -17.05 7.44
C VAL B 375 13.11 -15.87 8.09
N PHE B 376 13.88 -16.14 9.15
CA PHE B 376 14.62 -15.09 9.84
C PHE B 376 15.65 -14.43 8.91
N ASN B 377 16.46 -15.25 8.22
CA ASN B 377 17.47 -14.69 7.33
C ASN B 377 16.84 -13.95 6.16
N ASP B 378 15.75 -14.47 5.61
CA ASP B 378 15.11 -13.82 4.47
C ASP B 378 14.47 -12.50 4.88
N CYS B 379 13.86 -12.44 6.07
CA CYS B 379 13.33 -11.18 6.54
C CYS B 379 14.44 -10.18 6.84
N ARG B 380 15.59 -10.66 7.35
CA ARG B 380 16.73 -9.78 7.54
C ARG B 380 17.18 -9.16 6.23
N ASP B 381 17.26 -9.98 5.18
CA ASP B 381 17.65 -9.45 3.87
C ASP B 381 16.60 -8.48 3.33
N ILE B 382 15.32 -8.78 3.54
CA ILE B 382 14.25 -7.90 3.09
C ILE B 382 14.39 -6.53 3.76
N ILE B 383 14.61 -6.53 5.07
CA ILE B 383 14.72 -5.27 5.80
C ILE B 383 15.99 -4.52 5.38
N GLN B 384 17.08 -5.24 5.14
CA GLN B 384 18.30 -4.59 4.66
C GLN B 384 18.06 -3.88 3.34
N ARG B 385 17.41 -4.56 2.39
CA ARG B 385 17.16 -3.95 1.09
C ARG B 385 16.10 -2.85 1.17
N MET B 386 15.22 -2.89 2.18
CA MET B 386 14.29 -1.79 2.37
C MET B 386 15.00 -0.57 2.93
N HIS B 387 15.95 -0.77 3.84
CA HIS B 387 16.77 0.33 4.34
C HIS B 387 17.62 0.93 3.23
N LEU B 388 18.21 0.07 2.40
CA LEU B 388 19.11 0.49 1.33
C LEU B 388 18.43 1.37 0.30
N ARG B 389 17.10 1.36 0.32
CA ARG B 389 16.29 2.21 -0.57
C ARG B 389 16.33 3.68 -0.19
N GLN B 390 16.27 3.95 1.11
CA GLN B 390 16.22 5.32 1.64
C GLN B 390 17.37 6.24 1.26
N TYR B 391 18.55 5.67 1.09
CA TYR B 391 19.77 6.41 0.72
C TYR B 391 19.73 6.95 -0.70
N GLU B 392 18.82 6.43 -1.50
CA GLU B 392 18.68 6.92 -2.86
C GLU B 392 17.73 8.09 -2.80
N LEU B 393 17.04 8.36 -3.89
CA LEU B 393 16.08 9.46 -3.96
C LEU B 393 14.82 9.12 -3.19
N GLN C 19 -31.30 -30.46 -17.33
CA GLN C 19 -31.00 -30.08 -18.71
C GLN C 19 -32.24 -29.52 -19.40
N SER C 20 -33.36 -30.23 -19.27
CA SER C 20 -34.60 -29.78 -19.88
C SER C 20 -35.28 -28.71 -19.03
N GLU C 21 -35.68 -29.06 -17.81
CA GLU C 21 -36.30 -28.09 -16.92
C GLU C 21 -35.35 -26.95 -16.60
N LEU C 22 -34.06 -27.25 -16.47
CA LEU C 22 -33.07 -26.22 -16.22
C LEU C 22 -33.06 -25.19 -17.33
N ASP C 23 -33.09 -25.63 -18.58
CA ASP C 23 -33.04 -24.68 -19.69
C ASP C 23 -34.36 -23.95 -19.86
N GLN C 24 -35.50 -24.61 -19.64
CA GLN C 24 -36.76 -23.89 -19.63
C GLN C 24 -36.76 -22.78 -18.58
N LEU C 25 -36.20 -23.07 -17.40
CA LEU C 25 -36.21 -22.09 -16.33
C LEU C 25 -35.24 -20.96 -16.61
N ARG C 26 -34.09 -21.28 -17.22
CA ARG C 26 -33.14 -20.24 -17.60
C ARG C 26 -33.73 -19.33 -18.67
N GLN C 27 -34.44 -19.88 -19.65
CA GLN C 27 -35.03 -19.03 -20.67
C GLN C 27 -36.20 -18.23 -20.13
N GLU C 28 -36.94 -18.77 -19.16
CA GLU C 28 -37.98 -17.98 -18.49
C GLU C 28 -37.36 -16.80 -17.75
N ALA C 29 -36.24 -17.04 -17.05
CA ALA C 29 -35.56 -15.95 -16.36
C ALA C 29 -35.03 -14.91 -17.35
N GLU C 30 -34.54 -15.37 -18.50
CA GLU C 30 -34.04 -14.43 -19.51
C GLU C 30 -35.16 -13.60 -20.11
N GLN C 31 -36.32 -14.21 -20.34
CA GLN C 31 -37.47 -13.44 -20.82
C GLN C 31 -37.97 -12.46 -19.76
N LEU C 32 -37.90 -12.85 -18.48
CA LEU C 32 -38.25 -11.92 -17.42
C LEU C 32 -37.28 -10.74 -17.38
N LYS C 33 -35.99 -11.01 -17.58
CA LYS C 33 -35.01 -9.93 -17.67
C LYS C 33 -35.32 -9.01 -18.84
N ASN C 34 -35.69 -9.59 -19.99
CA ASN C 34 -36.04 -8.78 -21.15
C ASN C 34 -37.26 -7.90 -20.86
N GLN C 35 -38.27 -8.47 -20.19
CA GLN C 35 -39.45 -7.69 -19.83
C GLN C 35 -39.09 -6.55 -18.88
N ILE C 36 -38.24 -6.82 -17.90
CA ILE C 36 -37.88 -5.79 -16.94
C ILE C 36 -37.07 -4.68 -17.60
N ARG C 37 -36.14 -5.06 -18.49
CA ARG C 37 -35.38 -4.04 -19.21
C ARG C 37 -36.27 -3.22 -20.13
N ASP C 38 -37.27 -3.86 -20.75
CA ASP C 38 -38.19 -3.13 -21.60
C ASP C 38 -39.03 -2.15 -20.79
N ALA C 39 -39.43 -2.55 -19.58
CA ALA C 39 -40.17 -1.63 -18.71
C ALA C 39 -39.30 -0.45 -18.29
N ARG C 40 -38.06 -0.72 -17.88
CA ARG C 40 -37.13 0.35 -17.53
C ARG C 40 -36.97 1.33 -18.68
N LYS C 41 -36.75 0.82 -19.89
CA LYS C 41 -36.57 1.69 -21.05
C LYS C 41 -37.86 2.42 -21.40
N ALA C 42 -39.01 1.82 -21.11
CA ALA C 42 -40.28 2.49 -21.36
C ALA C 42 -40.46 3.68 -20.43
N CYS C 43 -40.06 3.54 -19.16
CA CYS C 43 -40.22 4.64 -18.22
C CYS C 43 -39.13 5.70 -18.35
N ALA C 44 -38.22 5.57 -19.31
CA ALA C 44 -37.15 6.54 -19.52
C ALA C 44 -37.47 7.37 -20.76
N ASP C 45 -37.66 8.67 -20.56
CA ASP C 45 -37.96 9.58 -21.66
C ASP C 45 -36.97 10.73 -21.79
N ALA C 46 -36.43 11.22 -20.68
CA ALA C 46 -35.48 12.32 -20.71
C ALA C 46 -34.37 12.07 -19.70
N THR C 47 -33.14 12.35 -20.10
CA THR C 47 -31.98 12.16 -19.24
C THR C 47 -31.96 13.26 -18.17
N LEU C 48 -31.27 12.98 -17.07
CA LEU C 48 -31.11 13.99 -16.02
C LEU C 48 -30.42 15.23 -16.56
N SER C 49 -29.28 15.05 -17.23
CA SER C 49 -28.53 16.19 -17.77
C SER C 49 -29.22 16.83 -18.98
N GLN C 50 -30.40 16.36 -19.36
CA GLN C 50 -31.14 16.98 -20.46
C GLN C 50 -32.08 18.07 -19.98
N ILE C 51 -32.58 17.98 -18.75
CA ILE C 51 -33.48 18.99 -18.22
C ILE C 51 -32.83 19.85 -17.15
N THR C 52 -31.60 19.54 -16.73
CA THR C 52 -30.88 20.33 -15.74
C THR C 52 -29.71 21.09 -16.35
N ASN C 53 -29.58 21.08 -17.68
CA ASN C 53 -28.44 21.70 -18.34
C ASN C 53 -28.32 23.19 -18.05
N ASN C 54 -29.44 23.89 -17.89
CA ASN C 54 -29.42 25.34 -17.72
C ASN C 54 -29.26 25.78 -16.27
N ILE C 55 -29.29 24.86 -15.31
CA ILE C 55 -29.10 25.24 -13.92
C ILE C 55 -27.70 25.83 -13.76
N ASP C 56 -27.56 26.75 -12.80
CA ASP C 56 -26.27 27.41 -12.69
C ASP C 56 -25.28 26.53 -11.94
N PRO C 57 -24.06 26.39 -12.44
CA PRO C 57 -23.08 25.50 -11.80
C PRO C 57 -22.68 25.99 -10.43
N VAL C 58 -22.11 25.07 -9.64
CA VAL C 58 -21.67 25.40 -8.29
C VAL C 58 -20.40 26.23 -8.26
N GLY C 59 -19.85 26.58 -9.43
CA GLY C 59 -18.63 27.34 -9.49
C GLY C 59 -17.41 26.48 -9.20
N ARG C 60 -16.64 26.85 -8.20
CA ARG C 60 -15.45 26.11 -7.80
C ARG C 60 -15.50 25.89 -6.30
N ILE C 61 -15.23 24.67 -5.88
CA ILE C 61 -15.20 24.29 -4.47
C ILE C 61 -13.75 24.14 -4.05
N GLN C 62 -13.29 25.03 -3.18
CA GLN C 62 -11.91 25.02 -2.69
C GLN C 62 -11.94 24.76 -1.20
N MET C 63 -11.95 23.48 -0.83
CA MET C 63 -11.84 23.07 0.56
C MET C 63 -10.36 22.89 0.90
N ARG C 64 -10.00 23.24 2.13
CA ARG C 64 -8.63 23.08 2.59
C ARG C 64 -8.63 22.47 3.98
N THR C 65 -7.49 21.89 4.35
CA THR C 65 -7.36 21.11 5.56
C THR C 65 -7.39 22.01 6.78
N ARG C 66 -8.29 21.70 7.73
CA ARG C 66 -8.35 22.42 8.99
C ARG C 66 -7.65 21.67 10.11
N ARG C 67 -7.96 20.40 10.29
CA ARG C 67 -7.35 19.56 11.30
C ARG C 67 -6.63 18.39 10.64
N THR C 68 -5.69 17.81 11.39
CA THR C 68 -5.03 16.58 10.99
C THR C 68 -4.81 15.75 12.25
N LEU C 69 -5.39 14.56 12.30
CA LEU C 69 -5.42 13.75 13.51
C LEU C 69 -4.35 12.66 13.38
N ARG C 70 -3.26 12.82 14.12
CA ARG C 70 -2.17 11.85 14.15
C ARG C 70 -2.29 10.99 15.40
N GLY C 71 -1.79 9.76 15.29
CA GLY C 71 -1.86 8.84 16.42
C GLY C 71 -2.08 7.39 16.06
N HIS C 72 -2.36 7.12 14.78
CA HIS C 72 -2.49 5.75 14.31
C HIS C 72 -1.16 5.27 13.76
N LEU C 73 -0.89 3.97 13.94
CA LEU C 73 0.38 3.38 13.53
C LEU C 73 0.33 2.70 12.18
N ALA C 74 -0.82 2.18 11.78
CA ALA C 74 -0.97 1.46 10.52
C ALA C 74 -2.02 2.17 9.67
N LYS C 75 -2.39 1.54 8.56
CA LYS C 75 -3.37 2.13 7.68
C LYS C 75 -4.74 2.15 8.34
N ILE C 76 -5.51 3.19 8.03
CA ILE C 76 -6.84 3.39 8.58
C ILE C 76 -7.85 2.81 7.61
N TYR C 77 -8.64 1.84 8.08
CA TYR C 77 -9.61 1.25 7.17
C TYR C 77 -10.98 1.89 7.21
N ALA C 78 -11.42 2.37 8.36
CA ALA C 78 -12.76 2.90 8.48
C ALA C 78 -12.76 4.14 9.35
N MET C 79 -13.91 4.81 9.38
CA MET C 79 -14.14 6.03 10.14
C MET C 79 -15.64 6.29 10.13
N HIS C 80 -16.14 6.93 11.19
CA HIS C 80 -17.56 7.23 11.27
C HIS C 80 -17.78 8.42 12.18
N TRP C 81 -18.46 9.44 11.66
CA TRP C 81 -18.79 10.61 12.45
C TRP C 81 -19.88 10.29 13.47
N GLY C 82 -19.90 11.06 14.54
CA GLY C 82 -21.00 11.00 15.47
C GLY C 82 -22.12 11.94 15.07
N THR C 83 -23.31 11.67 15.60
CA THR C 83 -24.46 12.49 15.25
C THR C 83 -24.42 13.87 15.88
N ASP C 84 -23.52 14.11 16.84
CA ASP C 84 -23.33 15.45 17.36
C ASP C 84 -22.37 16.27 16.51
N SER C 85 -21.85 15.70 15.42
CA SER C 85 -20.99 16.38 14.47
C SER C 85 -19.68 16.88 15.08
N ARG C 86 -19.29 16.32 16.21
CA ARG C 86 -18.05 16.71 16.89
C ARG C 86 -17.11 15.56 17.14
N LEU C 87 -17.62 14.41 17.53
CA LEU C 87 -16.78 13.26 17.86
C LEU C 87 -16.66 12.32 16.67
N LEU C 88 -15.47 11.75 16.51
CA LEU C 88 -15.15 10.92 15.36
C LEU C 88 -14.54 9.62 15.84
N VAL C 89 -14.81 8.53 15.12
CA VAL C 89 -14.22 7.24 15.43
C VAL C 89 -13.37 6.81 14.24
N SER C 90 -12.31 6.06 14.51
CA SER C 90 -11.48 5.55 13.43
C SER C 90 -10.88 4.21 13.84
N ALA C 91 -10.77 3.32 12.85
CA ALA C 91 -10.28 1.96 13.05
C ALA C 91 -9.01 1.78 12.24
N SER C 92 -7.93 1.39 12.90
CA SER C 92 -6.69 1.14 12.20
C SER C 92 -6.29 -0.32 12.34
N GLN C 93 -5.50 -0.80 11.38
CA GLN C 93 -5.10 -2.19 11.33
C GLN C 93 -3.89 -2.48 12.20
N ASP C 94 -3.50 -1.55 13.06
CA ASP C 94 -2.53 -1.81 14.11
C ASP C 94 -3.19 -2.42 15.34
N GLY C 95 -4.50 -2.49 15.38
CA GLY C 95 -5.23 -2.98 16.52
C GLY C 95 -5.83 -1.89 17.39
N LYS C 96 -6.11 -0.71 16.84
CA LYS C 96 -6.59 0.42 17.61
C LYS C 96 -7.90 0.93 17.08
N LEU C 97 -8.77 1.34 18.01
CA LEU C 97 -10.02 2.01 17.72
C LEU C 97 -9.99 3.32 18.48
N ILE C 98 -9.74 4.43 17.79
CA ILE C 98 -9.49 5.71 18.44
C ILE C 98 -10.71 6.61 18.25
N ILE C 99 -11.16 7.21 19.34
CA ILE C 99 -12.27 8.16 19.34
C ILE C 99 -11.69 9.54 19.62
N TRP C 100 -11.79 10.43 18.64
CA TRP C 100 -11.25 11.78 18.66
C TRP C 100 -12.34 12.82 18.92
N ASP C 101 -11.94 13.89 19.59
CA ASP C 101 -12.70 15.14 19.63
C ASP C 101 -12.13 16.04 18.54
N SER C 102 -12.89 16.24 17.48
CA SER C 102 -12.35 16.88 16.29
C SER C 102 -12.18 18.39 16.43
N TYR C 103 -12.89 19.04 17.36
CA TYR C 103 -12.73 20.47 17.54
C TYR C 103 -11.37 20.79 18.13
N THR C 104 -10.99 20.09 19.20
CA THR C 104 -9.73 20.34 19.90
C THR C 104 -8.65 19.34 19.53
N THR C 105 -8.94 18.38 18.65
CA THR C 105 -8.00 17.33 18.23
C THR C 105 -7.46 16.55 19.41
N ASN C 106 -8.32 16.30 20.40
CA ASN C 106 -7.97 15.48 21.55
C ASN C 106 -8.49 14.06 21.36
N LYS C 107 -7.71 13.09 21.84
CA LYS C 107 -8.11 11.70 21.80
C LYS C 107 -8.97 11.41 23.02
N VAL C 108 -10.26 11.15 22.80
CA VAL C 108 -11.15 10.86 23.91
C VAL C 108 -11.03 9.41 24.34
N HIS C 109 -10.81 8.50 23.40
CA HIS C 109 -10.68 7.09 23.75
C HIS C 109 -9.70 6.41 22.82
N ALA C 110 -9.06 5.34 23.32
CA ALA C 110 -8.21 4.48 22.52
C ALA C 110 -8.44 3.05 22.99
N ILE C 111 -9.25 2.31 22.26
CA ILE C 111 -9.64 0.95 22.62
C ILE C 111 -8.73 -0.02 21.88
N PRO C 112 -8.08 -0.95 22.56
CA PRO C 112 -7.34 -2.01 21.86
C PRO C 112 -8.29 -3.12 21.41
N LEU C 113 -8.07 -3.61 20.20
CA LEU C 113 -8.92 -4.63 19.61
C LEU C 113 -8.27 -6.00 19.76
N ARG C 114 -9.12 -7.03 19.84
CA ARG C 114 -8.60 -8.39 19.96
C ARG C 114 -8.01 -8.88 18.65
N SER C 115 -8.53 -8.42 17.52
CA SER C 115 -8.02 -8.79 16.20
C SER C 115 -7.48 -7.53 15.52
N SER C 116 -6.26 -7.63 14.99
CA SER C 116 -5.59 -6.49 14.41
C SER C 116 -6.14 -6.11 13.04
N TRP C 117 -6.98 -6.94 12.44
CA TRP C 117 -7.38 -6.79 11.04
C TRP C 117 -8.76 -6.18 10.89
N VAL C 118 -9.08 -5.20 11.72
CA VAL C 118 -10.37 -4.52 11.62
C VAL C 118 -10.53 -3.89 10.24
N MET C 119 -11.72 -4.03 9.67
CA MET C 119 -12.04 -3.48 8.36
C MET C 119 -13.18 -2.49 8.38
N THR C 120 -13.87 -2.31 9.51
CA THR C 120 -15.00 -1.41 9.58
C THR C 120 -15.19 -0.97 11.02
N CYS C 121 -15.99 0.08 11.21
CA CYS C 121 -16.33 0.58 12.53
C CYS C 121 -17.56 1.47 12.41
N ALA C 122 -18.33 1.52 13.49
CA ALA C 122 -19.57 2.30 13.51
C ALA C 122 -19.72 3.00 14.85
N TYR C 123 -20.64 3.96 14.88
CA TYR C 123 -20.85 4.82 16.04
C TYR C 123 -22.34 4.99 16.23
N ALA C 124 -22.87 4.52 17.34
CA ALA C 124 -24.31 4.46 17.53
C ALA C 124 -24.91 5.86 17.51
N PRO C 125 -26.09 6.04 16.90
CA PRO C 125 -26.68 7.39 16.82
C PRO C 125 -27.03 7.98 18.17
N SER C 126 -26.94 7.22 19.25
CA SER C 126 -27.06 7.76 20.60
C SER C 126 -25.72 8.14 21.20
N GLY C 127 -24.62 7.65 20.64
CA GLY C 127 -23.29 7.96 21.13
C GLY C 127 -22.80 7.06 22.25
N ASN C 128 -23.55 6.01 22.58
CA ASN C 128 -23.20 5.16 23.71
C ASN C 128 -22.27 4.01 23.33
N TYR C 129 -22.45 3.43 22.15
CA TYR C 129 -21.74 2.22 21.77
C TYR C 129 -20.88 2.43 20.54
N VAL C 130 -19.95 1.50 20.33
CA VAL C 130 -19.09 1.48 19.16
C VAL C 130 -18.99 0.05 18.66
N ALA C 131 -19.10 -0.15 17.36
CA ALA C 131 -18.98 -1.47 16.77
C ALA C 131 -17.72 -1.56 15.92
N CYS C 132 -17.15 -2.75 15.84
CA CYS C 132 -16.03 -2.96 14.94
C CYS C 132 -15.95 -4.43 14.55
N GLY C 133 -15.52 -4.68 13.32
CA GLY C 133 -15.38 -6.05 12.85
C GLY C 133 -14.29 -6.12 11.80
N GLY C 134 -13.97 -7.34 11.40
CA GLY C 134 -12.90 -7.51 10.44
C GLY C 134 -12.73 -8.92 9.92
N LEU C 135 -11.47 -9.36 9.82
CA LEU C 135 -11.16 -10.67 9.27
C LEU C 135 -11.42 -11.81 10.24
N ASP C 136 -11.95 -11.53 11.43
CA ASP C 136 -12.30 -12.57 12.39
C ASP C 136 -13.77 -12.97 12.30
N ASN C 137 -14.52 -12.37 11.38
CA ASN C 137 -15.92 -12.73 11.14
C ASN C 137 -16.81 -12.45 12.34
N ILE C 138 -16.40 -11.51 13.19
CA ILE C 138 -17.10 -11.22 14.44
C ILE C 138 -17.28 -9.71 14.55
N CYS C 139 -18.44 -9.28 15.01
CA CYS C 139 -18.72 -7.87 15.27
C CYS C 139 -18.67 -7.64 16.78
N SER C 140 -17.65 -6.94 17.25
CA SER C 140 -17.52 -6.62 18.66
C SER C 140 -18.19 -5.29 18.95
N ILE C 141 -19.03 -5.28 19.99
CA ILE C 141 -19.75 -4.09 20.44
C ILE C 141 -19.15 -3.67 21.77
N TYR C 142 -18.63 -2.45 21.82
CA TYR C 142 -18.00 -1.86 22.99
C TYR C 142 -18.92 -0.79 23.57
N ASN C 143 -19.02 -0.78 24.91
CA ASN C 143 -19.80 0.21 25.63
C ASN C 143 -18.89 1.34 26.08
N LEU C 144 -19.23 2.57 25.69
CA LEU C 144 -18.39 3.72 25.99
C LEU C 144 -18.76 4.42 27.28
N LYS C 145 -20.03 4.40 27.66
CA LYS C 145 -20.54 5.18 28.78
C LYS C 145 -20.75 4.32 30.02
N THR C 146 -19.84 3.37 30.23
CA THR C 146 -19.88 2.59 31.46
C THR C 146 -19.59 3.48 32.67
N ARG C 147 -20.40 3.33 33.70
CA ARG C 147 -20.30 4.15 34.90
C ARG C 147 -19.14 3.65 35.75
N GLU C 148 -18.16 4.54 36.00
CA GLU C 148 -16.99 4.24 36.82
C GLU C 148 -16.20 3.05 36.29
N GLY C 149 -16.20 2.84 34.98
CA GLY C 149 -15.42 1.79 34.36
C GLY C 149 -14.81 2.27 33.06
N ASN C 150 -13.87 1.46 32.55
CA ASN C 150 -13.26 1.71 31.26
C ASN C 150 -14.18 1.20 30.16
N VAL C 151 -13.67 1.14 28.93
CA VAL C 151 -14.45 0.68 27.78
C VAL C 151 -14.12 -0.79 27.53
N ARG C 152 -15.12 -1.63 27.77
CA ARG C 152 -14.99 -3.08 27.63
C ARG C 152 -15.99 -3.63 26.65
N VAL C 153 -15.68 -4.79 26.08
CA VAL C 153 -16.53 -5.40 25.06
C VAL C 153 -17.90 -5.71 25.64
N SER C 154 -18.93 -5.02 25.14
CA SER C 154 -20.29 -5.30 25.60
C SER C 154 -20.78 -6.63 25.06
N ARG C 155 -20.65 -6.84 23.75
CA ARG C 155 -21.10 -8.08 23.13
C ARG C 155 -20.17 -8.49 22.01
N GLU C 156 -20.33 -9.73 21.56
CA GLU C 156 -19.65 -10.24 20.37
C GLU C 156 -20.69 -10.97 19.53
N LEU C 157 -20.96 -10.43 18.34
CA LEU C 157 -21.90 -11.03 17.40
C LEU C 157 -21.14 -11.93 16.45
N ALA C 158 -21.36 -13.24 16.57
CA ALA C 158 -20.72 -14.24 15.73
C ALA C 158 -21.79 -15.02 14.99
N GLY C 159 -21.43 -15.52 13.81
CA GLY C 159 -22.39 -16.21 12.98
C GLY C 159 -22.18 -16.00 11.50
N HIS C 160 -21.40 -14.99 11.12
CA HIS C 160 -21.01 -14.86 9.73
C HIS C 160 -19.92 -15.87 9.40
N THR C 161 -19.79 -16.16 8.10
CA THR C 161 -18.80 -17.11 7.62
C THR C 161 -17.64 -16.44 6.90
N GLY C 162 -17.77 -15.16 6.57
CA GLY C 162 -16.69 -14.40 5.98
C GLY C 162 -16.48 -13.10 6.72
N TYR C 163 -15.42 -12.40 6.34
CA TYR C 163 -15.04 -11.16 7.00
C TYR C 163 -16.17 -10.15 6.97
N LEU C 164 -16.19 -9.28 7.97
CA LEU C 164 -17.15 -8.19 8.03
C LEU C 164 -16.63 -7.00 7.24
N SER C 165 -17.41 -6.55 6.26
CA SER C 165 -17.01 -5.41 5.44
C SER C 165 -17.61 -4.10 5.91
N CYS C 166 -18.83 -4.11 6.44
CA CYS C 166 -19.47 -2.89 6.92
C CYS C 166 -20.47 -3.26 8.00
N CYS C 167 -20.79 -2.29 8.84
CA CYS C 167 -21.78 -2.46 9.89
C CYS C 167 -22.30 -1.08 10.28
N ARG C 168 -23.61 -1.00 10.48
CA ARG C 168 -24.24 0.26 10.88
C ARG C 168 -25.29 -0.02 11.95
N PHE C 169 -25.37 0.87 12.92
CA PHE C 169 -26.40 0.78 13.96
C PHE C 169 -27.72 1.31 13.43
N LEU C 170 -28.80 0.67 13.87
CA LEU C 170 -30.14 1.24 13.72
C LEU C 170 -30.60 1.98 14.96
N ASP C 171 -30.39 1.38 16.13
CA ASP C 171 -30.53 2.04 17.42
C ASP C 171 -29.55 1.36 18.37
N ASP C 172 -29.73 1.55 19.68
CA ASP C 172 -28.83 0.91 20.63
C ASP C 172 -29.00 -0.60 20.70
N ASN C 173 -30.00 -1.18 20.01
CA ASN C 173 -30.29 -2.59 20.15
C ASN C 173 -30.14 -3.41 18.88
N GLN C 174 -30.26 -2.81 17.71
CA GLN C 174 -30.19 -3.54 16.45
C GLN C 174 -29.02 -3.03 15.61
N ILE C 175 -28.42 -3.94 14.86
CA ILE C 175 -27.28 -3.59 14.01
C ILE C 175 -27.29 -4.47 12.78
N VAL C 176 -26.98 -3.88 11.62
CA VAL C 176 -26.94 -4.60 10.36
C VAL C 176 -25.50 -4.65 9.88
N THR C 177 -25.04 -5.83 9.46
CA THR C 177 -23.66 -6.05 9.08
C THR C 177 -23.58 -6.72 7.71
N SER C 178 -22.67 -6.20 6.88
CA SER C 178 -22.30 -6.82 5.62
C SER C 178 -21.13 -7.75 5.83
N SER C 179 -21.16 -8.90 5.15
CA SER C 179 -20.11 -9.90 5.32
C SER C 179 -19.55 -10.31 3.97
N GLY C 180 -18.39 -10.94 4.00
CA GLY C 180 -17.78 -11.50 2.83
C GLY C 180 -18.31 -12.85 2.40
N ASP C 181 -19.26 -13.41 3.15
CA ASP C 181 -19.93 -14.65 2.76
C ASP C 181 -21.20 -14.40 1.96
N THR C 182 -21.33 -13.22 1.35
CA THR C 182 -22.38 -12.82 0.40
C THR C 182 -23.73 -12.56 1.04
N THR C 183 -23.82 -12.43 2.36
CA THR C 183 -25.09 -12.20 3.02
C THR C 183 -24.98 -11.02 3.98
N CYS C 184 -26.08 -10.29 4.13
CA CYS C 184 -26.20 -9.28 5.17
C CYS C 184 -26.97 -9.86 6.34
N ALA C 185 -26.74 -9.32 7.53
CA ALA C 185 -27.41 -9.85 8.70
C ALA C 185 -27.89 -8.71 9.59
N LEU C 186 -29.09 -8.85 10.12
CA LEU C 186 -29.66 -7.93 11.10
C LEU C 186 -29.70 -8.63 12.45
N TRP C 187 -28.96 -8.08 13.40
CA TRP C 187 -28.74 -8.66 14.73
C TRP C 187 -29.45 -7.83 15.79
N ASP C 188 -30.03 -8.52 16.77
CA ASP C 188 -30.39 -7.94 18.04
C ASP C 188 -29.21 -8.09 18.99
N ILE C 189 -28.75 -6.98 19.56
CA ILE C 189 -27.50 -6.98 20.30
C ILE C 189 -27.68 -7.63 21.67
N GLU C 190 -28.84 -7.43 22.30
CA GLU C 190 -29.05 -7.91 23.66
C GLU C 190 -28.90 -9.43 23.75
N THR C 191 -29.70 -10.15 22.97
CA THR C 191 -29.61 -11.62 22.99
C THR C 191 -28.36 -12.10 22.27
N GLY C 192 -28.05 -11.51 21.12
CA GLY C 192 -26.89 -11.90 20.35
C GLY C 192 -27.18 -12.82 19.18
N GLN C 193 -28.41 -12.89 18.71
CA GLN C 193 -28.81 -13.78 17.63
C GLN C 193 -29.18 -12.98 16.40
N GLN C 194 -29.00 -13.61 15.23
CA GLN C 194 -29.41 -12.99 13.98
C GLN C 194 -30.93 -12.89 13.93
N THR C 195 -31.44 -11.66 13.87
CA THR C 195 -32.87 -11.49 13.68
C THR C 195 -33.29 -11.76 12.25
N THR C 196 -32.48 -11.33 11.28
CA THR C 196 -32.85 -11.49 9.88
C THR C 196 -31.61 -11.73 9.04
N THR C 197 -31.76 -12.51 7.97
CA THR C 197 -30.67 -12.81 7.05
C THR C 197 -31.07 -12.40 5.65
N PHE C 198 -30.31 -11.49 5.05
CA PHE C 198 -30.58 -10.95 3.72
C PHE C 198 -29.64 -11.65 2.73
N THR C 199 -30.21 -12.51 1.90
CA THR C 199 -29.47 -13.26 0.90
C THR C 199 -29.92 -12.86 -0.50
N GLY C 200 -29.08 -13.17 -1.48
CA GLY C 200 -29.36 -12.81 -2.86
C GLY C 200 -28.15 -12.37 -3.63
N HIS C 201 -27.16 -11.79 -2.95
CA HIS C 201 -25.93 -11.40 -3.61
C HIS C 201 -25.09 -12.61 -3.96
N THR C 202 -24.33 -12.50 -5.05
CA THR C 202 -23.48 -13.58 -5.52
C THR C 202 -22.01 -13.26 -5.37
N GLY C 203 -21.66 -12.24 -4.60
CA GLY C 203 -20.29 -11.89 -4.34
C GLY C 203 -20.17 -11.24 -2.99
N ASP C 204 -18.93 -10.88 -2.62
CA ASP C 204 -18.68 -10.25 -1.34
C ASP C 204 -19.38 -8.91 -1.26
N VAL C 205 -20.27 -8.75 -0.28
CA VAL C 205 -20.90 -7.46 -0.05
C VAL C 205 -19.87 -6.53 0.59
N MET C 206 -19.61 -5.40 -0.08
CA MET C 206 -18.53 -4.52 0.33
C MET C 206 -18.98 -3.29 1.10
N SER C 207 -20.24 -2.89 0.97
CA SER C 207 -20.71 -1.71 1.66
C SER C 207 -22.22 -1.77 1.80
N LEU C 208 -22.74 -0.93 2.70
CA LEU C 208 -24.17 -0.78 2.86
C LEU C 208 -24.45 0.66 3.29
N SER C 209 -25.72 1.05 3.18
CA SER C 209 -26.11 2.41 3.52
C SER C 209 -27.53 2.39 4.03
N LEU C 210 -27.73 2.97 5.22
CA LEU C 210 -29.05 3.08 5.81
C LEU C 210 -29.75 4.31 5.24
N ALA C 211 -31.07 4.18 5.04
CA ALA C 211 -31.86 5.28 4.52
C ALA C 211 -31.97 6.38 5.57
N PRO C 212 -32.42 7.58 5.19
CA PRO C 212 -32.69 8.62 6.20
C PRO C 212 -33.59 8.14 7.33
N ASP C 213 -34.59 7.33 7.02
CA ASP C 213 -35.28 6.54 8.04
C ASP C 213 -34.66 5.15 8.11
N THR C 214 -35.06 4.39 9.12
CA THR C 214 -34.48 3.07 9.36
C THR C 214 -35.33 1.94 8.78
N ARG C 215 -36.01 2.18 7.66
CA ARG C 215 -36.91 1.18 7.10
C ARG C 215 -36.24 0.33 6.02
N LEU C 216 -35.44 0.95 5.16
CA LEU C 216 -34.79 0.26 4.05
C LEU C 216 -33.29 0.48 4.12
N PHE C 217 -32.56 -0.33 3.36
CA PHE C 217 -31.14 -0.04 3.13
C PHE C 217 -30.73 -0.58 1.77
N VAL C 218 -29.54 -0.20 1.33
CA VAL C 218 -28.97 -0.62 0.06
C VAL C 218 -27.65 -1.32 0.33
N SER C 219 -27.36 -2.35 -0.46
CA SER C 219 -26.12 -3.10 -0.33
C SER C 219 -25.48 -3.27 -1.69
N GLY C 220 -24.18 -3.01 -1.76
CA GLY C 220 -23.40 -3.19 -2.99
C GLY C 220 -22.41 -4.32 -2.80
N ALA C 221 -22.31 -5.18 -3.81
CA ALA C 221 -21.49 -6.38 -3.72
C ALA C 221 -20.50 -6.41 -4.86
N CYS C 222 -19.64 -7.44 -4.84
CA CYS C 222 -18.63 -7.65 -5.87
C CYS C 222 -19.17 -8.35 -7.11
N ASP C 223 -20.49 -8.38 -7.29
CA ASP C 223 -21.10 -8.88 -8.51
C ASP C 223 -21.55 -7.75 -9.43
N ALA C 224 -21.03 -6.54 -9.22
CA ALA C 224 -21.38 -5.36 -10.01
C ALA C 224 -22.86 -5.01 -9.90
N SER C 225 -23.47 -5.36 -8.77
CA SER C 225 -24.90 -5.17 -8.57
C SER C 225 -25.17 -4.58 -7.20
N ALA C 226 -26.23 -3.78 -7.11
CA ALA C 226 -26.70 -3.23 -5.86
C ALA C 226 -28.13 -3.69 -5.62
N LYS C 227 -28.50 -3.82 -4.35
CA LYS C 227 -29.82 -4.32 -4.00
C LYS C 227 -30.44 -3.45 -2.93
N LEU C 228 -31.78 -3.37 -2.96
CA LEU C 228 -32.56 -2.62 -1.99
C LEU C 228 -33.32 -3.59 -1.10
N TRP C 229 -33.13 -3.47 0.20
CA TRP C 229 -33.68 -4.41 1.17
C TRP C 229 -34.64 -3.69 2.11
N ASP C 230 -35.83 -4.27 2.28
CA ASP C 230 -36.78 -3.86 3.31
C ASP C 230 -36.39 -4.53 4.62
N VAL C 231 -36.10 -3.72 5.64
CA VAL C 231 -35.57 -4.28 6.88
C VAL C 231 -36.65 -5.02 7.65
N ARG C 232 -37.86 -4.47 7.70
CA ARG C 232 -38.92 -5.05 8.53
C ARG C 232 -39.34 -6.42 8.02
N GLU C 233 -39.29 -6.63 6.70
CA GLU C 233 -39.67 -7.93 6.16
C GLU C 233 -38.46 -8.86 6.04
N GLY C 234 -37.46 -8.46 5.26
CA GLY C 234 -36.28 -9.28 5.08
C GLY C 234 -36.09 -9.74 3.65
N MET C 235 -36.76 -9.07 2.73
CA MET C 235 -36.74 -9.44 1.32
C MET C 235 -36.16 -8.32 0.48
N CYS C 236 -35.67 -8.67 -0.71
CA CYS C 236 -35.06 -7.72 -1.62
C CYS C 236 -36.13 -7.05 -2.47
N ARG C 237 -36.15 -5.72 -2.48
CA ARG C 237 -37.14 -4.98 -3.24
C ARG C 237 -36.74 -4.86 -4.71
N GLN C 238 -35.58 -4.26 -4.98
CA GLN C 238 -35.14 -4.02 -6.34
C GLN C 238 -33.67 -4.33 -6.47
N THR C 239 -33.23 -4.46 -7.72
CA THR C 239 -31.84 -4.75 -8.07
C THR C 239 -31.39 -3.77 -9.15
N PHE C 240 -30.18 -3.25 -9.01
CA PHE C 240 -29.63 -2.24 -9.91
C PHE C 240 -28.32 -2.79 -10.47
N THR C 241 -28.21 -2.84 -11.80
CA THR C 241 -27.15 -3.55 -12.49
C THR C 241 -26.46 -2.65 -13.52
N GLY C 242 -26.09 -1.45 -13.09
CA GLY C 242 -25.44 -0.52 -14.01
C GLY C 242 -23.95 -0.69 -14.14
N HIS C 243 -23.25 -0.95 -13.05
CA HIS C 243 -21.80 -1.01 -13.07
C HIS C 243 -21.32 -2.25 -13.81
N GLU C 244 -19.99 -2.34 -13.98
CA GLU C 244 -19.37 -3.46 -14.68
C GLU C 244 -18.17 -4.02 -13.93
N SER C 245 -18.04 -3.73 -12.63
CA SER C 245 -16.98 -4.30 -11.82
C SER C 245 -17.40 -4.22 -10.36
N ASP C 246 -16.48 -4.56 -9.46
CA ASP C 246 -16.80 -4.64 -8.05
C ASP C 246 -17.22 -3.27 -7.51
N ILE C 247 -18.31 -3.25 -6.76
CA ILE C 247 -18.81 -2.04 -6.12
C ILE C 247 -18.19 -1.94 -4.72
N ASN C 248 -17.54 -0.82 -4.44
CA ASN C 248 -16.84 -0.66 -3.18
C ASN C 248 -17.53 0.26 -2.19
N ALA C 249 -18.35 1.20 -2.67
CA ALA C 249 -19.00 2.16 -1.80
C ALA C 249 -20.42 2.43 -2.28
N ILE C 250 -21.25 2.89 -1.35
CA ILE C 250 -22.65 3.17 -1.64
C ILE C 250 -23.17 4.11 -0.57
N CYS C 251 -24.07 5.01 -0.95
CA CYS C 251 -24.57 6.03 -0.04
C CYS C 251 -25.91 6.55 -0.55
N PHE C 252 -26.85 6.76 0.37
CA PHE C 252 -28.14 7.33 0.02
C PHE C 252 -28.06 8.82 -0.26
N PHE C 253 -28.83 9.26 -1.24
CA PHE C 253 -29.10 10.67 -1.42
C PHE C 253 -29.84 11.19 -0.20
N PRO C 254 -29.61 12.44 0.22
CA PRO C 254 -30.16 12.93 1.48
C PRO C 254 -31.66 12.72 1.66
N ASN C 255 -32.46 12.75 0.61
CA ASN C 255 -33.91 12.64 0.76
C ASN C 255 -34.39 11.20 0.87
N GLY C 256 -33.65 10.24 0.34
CA GLY C 256 -34.02 8.84 0.44
C GLY C 256 -34.71 8.25 -0.76
N ASN C 257 -34.74 8.96 -1.88
CA ASN C 257 -35.37 8.46 -3.10
C ASN C 257 -34.34 8.20 -4.21
N ALA C 258 -33.07 8.15 -3.85
CA ALA C 258 -32.00 7.86 -4.80
C ALA C 258 -30.75 7.54 -3.98
N PHE C 259 -29.76 6.95 -4.66
CA PHE C 259 -28.49 6.69 -4.00
C PHE C 259 -27.38 6.72 -5.04
N ALA C 260 -26.15 6.59 -4.58
CA ALA C 260 -24.99 6.65 -5.46
C ALA C 260 -23.99 5.57 -5.07
N THR C 261 -23.34 5.01 -6.07
CA THR C 261 -22.39 3.93 -5.88
C THR C 261 -21.08 4.26 -6.57
N GLY C 262 -19.99 3.75 -6.00
CA GLY C 262 -18.68 3.82 -6.63
C GLY C 262 -18.12 2.43 -6.78
N SER C 263 -17.47 2.18 -7.92
CA SER C 263 -17.02 0.84 -8.24
C SER C 263 -15.57 0.88 -8.72
N ASP C 264 -15.06 -0.30 -9.06
CA ASP C 264 -13.67 -0.46 -9.44
C ASP C 264 -13.41 -0.16 -10.92
N ASP C 265 -14.47 0.08 -11.71
CA ASP C 265 -14.30 0.48 -13.09
C ASP C 265 -14.12 1.99 -13.24
N ALA C 266 -13.72 2.66 -12.16
CA ALA C 266 -13.37 4.09 -12.17
C ALA C 266 -14.56 4.97 -12.53
N THR C 267 -15.73 4.65 -11.95
CA THR C 267 -16.96 5.34 -12.31
C THR C 267 -17.88 5.37 -11.11
N CYS C 268 -18.51 6.52 -10.87
CA CYS C 268 -19.59 6.62 -9.91
C CYS C 268 -20.91 6.70 -10.66
N ARG C 269 -21.98 6.23 -10.02
CA ARG C 269 -23.29 6.23 -10.67
C ARG C 269 -24.36 6.63 -9.68
N LEU C 270 -25.35 7.37 -10.17
CA LEU C 270 -26.49 7.81 -9.37
C LEU C 270 -27.71 7.00 -9.79
N PHE C 271 -28.15 6.09 -8.93
CA PHE C 271 -29.29 5.24 -9.19
C PHE C 271 -30.54 5.83 -8.55
N ASP C 272 -31.67 5.64 -9.23
CA ASP C 272 -32.96 6.16 -8.81
C ASP C 272 -33.80 5.03 -8.20
N LEU C 273 -34.57 5.37 -7.17
CA LEU C 273 -35.34 4.34 -6.49
C LEU C 273 -36.74 4.18 -7.05
N ARG C 274 -37.33 5.26 -7.55
CA ARG C 274 -38.67 5.18 -8.10
C ARG C 274 -38.67 5.01 -9.62
N ALA C 275 -37.68 5.58 -10.31
CA ALA C 275 -37.53 5.33 -11.74
C ALA C 275 -36.81 4.03 -12.04
N ASP C 276 -36.14 3.45 -11.04
CA ASP C 276 -35.59 2.09 -11.13
C ASP C 276 -34.50 1.98 -12.19
N GLN C 277 -33.63 2.98 -12.27
CA GLN C 277 -32.50 2.94 -13.19
C GLN C 277 -31.47 3.96 -12.73
N GLU C 278 -30.35 4.00 -13.45
CA GLU C 278 -29.29 4.96 -13.15
C GLU C 278 -29.53 6.24 -13.93
N LEU C 279 -29.39 7.38 -13.25
CA LEU C 279 -29.67 8.68 -13.85
C LEU C 279 -28.44 9.40 -14.36
N MET C 280 -27.28 9.18 -13.73
CA MET C 280 -26.10 9.95 -14.06
C MET C 280 -24.86 9.11 -13.81
N THR C 281 -23.83 9.37 -14.61
CA THR C 281 -22.55 8.69 -14.53
C THR C 281 -21.45 9.74 -14.35
N TYR C 282 -20.60 9.54 -13.36
CA TYR C 282 -19.50 10.44 -13.05
C TYR C 282 -18.20 9.71 -13.35
N SER C 283 -17.54 10.13 -14.43
CA SER C 283 -16.30 9.52 -14.87
C SER C 283 -15.57 10.50 -15.77
N HIS C 284 -14.32 10.16 -16.09
CA HIS C 284 -13.49 10.98 -16.96
C HIS C 284 -12.53 10.07 -17.72
N ASP C 285 -11.56 10.68 -18.40
CA ASP C 285 -10.58 9.93 -19.17
C ASP C 285 -9.25 9.82 -18.45
N ASN C 286 -8.86 10.84 -17.71
CA ASN C 286 -7.65 10.80 -16.90
C ASN C 286 -7.85 10.05 -15.59
N ILE C 287 -9.06 9.55 -15.33
CA ILE C 287 -9.38 8.80 -14.13
C ILE C 287 -9.45 7.33 -14.52
N ILE C 288 -8.46 6.54 -14.08
CA ILE C 288 -8.43 5.11 -14.36
C ILE C 288 -8.23 4.34 -13.07
N CYS C 289 -8.59 4.96 -11.94
CA CYS C 289 -8.48 4.34 -10.64
C CYS C 289 -9.87 4.12 -10.05
N GLY C 290 -10.00 3.08 -9.24
CA GLY C 290 -11.29 2.75 -8.67
C GLY C 290 -11.65 3.63 -7.50
N ILE C 291 -12.95 3.79 -7.29
CA ILE C 291 -13.47 4.59 -6.19
C ILE C 291 -13.55 3.73 -4.94
N THR C 292 -13.10 4.28 -3.81
CA THR C 292 -13.10 3.55 -2.55
C THR C 292 -14.20 3.99 -1.59
N SER C 293 -14.71 5.21 -1.73
CA SER C 293 -15.72 5.71 -0.81
C SER C 293 -16.45 6.88 -1.46
N VAL C 294 -17.75 7.00 -1.15
CA VAL C 294 -18.57 8.07 -1.68
C VAL C 294 -19.44 8.63 -0.56
N SER C 295 -19.79 9.91 -0.69
CA SER C 295 -20.68 10.55 0.27
C SER C 295 -21.31 11.79 -0.36
N PHE C 296 -22.42 12.22 0.22
CA PHE C 296 -23.17 13.38 -0.25
C PHE C 296 -23.05 14.52 0.76
N SER C 297 -23.10 15.74 0.25
CA SER C 297 -23.20 16.89 1.15
C SER C 297 -24.62 16.99 1.69
N LYS C 298 -24.82 17.91 2.63
CA LYS C 298 -26.12 18.03 3.30
C LYS C 298 -27.24 18.33 2.31
N SER C 299 -27.01 19.27 1.40
CA SER C 299 -28.02 19.60 0.41
C SER C 299 -28.16 18.51 -0.65
N GLY C 300 -27.14 17.71 -0.87
CA GLY C 300 -27.16 16.71 -1.92
C GLY C 300 -26.62 17.17 -3.24
N ARG C 301 -26.06 18.37 -3.32
CA ARG C 301 -25.55 18.90 -4.59
C ARG C 301 -24.14 18.43 -4.90
N LEU C 302 -23.34 18.13 -3.88
CA LEU C 302 -21.97 17.69 -4.08
C LEU C 302 -21.83 16.21 -3.74
N LEU C 303 -21.15 15.48 -4.61
CA LEU C 303 -20.83 14.08 -4.41
C LEU C 303 -19.32 13.97 -4.24
N LEU C 304 -18.87 13.68 -3.01
CA LEU C 304 -17.47 13.50 -2.74
C LEU C 304 -17.10 12.04 -2.91
N ALA C 305 -15.99 11.77 -3.59
CA ALA C 305 -15.57 10.40 -3.88
C ALA C 305 -14.07 10.29 -3.70
N GLY C 306 -13.65 9.35 -2.86
CA GLY C 306 -12.24 9.04 -2.69
C GLY C 306 -11.78 8.03 -3.71
N TYR C 307 -10.48 8.04 -4.00
CA TYR C 307 -9.94 7.31 -5.14
C TYR C 307 -8.68 6.56 -4.76
N ASP C 308 -8.31 5.62 -5.63
CA ASP C 308 -7.06 4.88 -5.49
C ASP C 308 -5.84 5.71 -5.88
N ASP C 309 -6.04 6.79 -6.64
CA ASP C 309 -4.95 7.64 -7.07
C ASP C 309 -4.57 8.67 -6.02
N PHE C 310 -4.96 8.44 -4.76
CA PHE C 310 -4.61 9.19 -3.56
C PHE C 310 -5.41 10.48 -3.42
N ASN C 311 -6.31 10.78 -4.35
CA ASN C 311 -7.04 12.03 -4.35
C ASN C 311 -8.52 11.78 -4.04
N CYS C 312 -9.23 12.86 -3.76
CA CYS C 312 -10.68 12.87 -3.69
C CYS C 312 -11.22 13.89 -4.69
N ASN C 313 -12.40 13.63 -5.21
CA ASN C 313 -13.04 14.49 -6.19
C ASN C 313 -14.39 14.94 -5.68
N VAL C 314 -14.73 16.19 -5.96
CA VAL C 314 -16.03 16.77 -5.63
C VAL C 314 -16.79 16.95 -6.93
N TRP C 315 -17.85 16.17 -7.13
CA TRP C 315 -18.62 16.19 -8.35
C TRP C 315 -19.91 16.97 -8.14
N ASP C 316 -20.25 17.81 -9.11
CA ASP C 316 -21.56 18.45 -9.14
C ASP C 316 -22.59 17.38 -9.42
N ALA C 317 -23.32 16.98 -8.39
CA ALA C 317 -24.19 15.81 -8.47
C ALA C 317 -25.31 15.98 -9.49
N LEU C 318 -25.56 17.19 -9.97
CA LEU C 318 -26.64 17.43 -10.93
C LEU C 318 -26.15 17.73 -12.34
N LYS C 319 -24.91 18.20 -12.50
CA LYS C 319 -24.36 18.48 -13.82
C LYS C 319 -23.27 17.51 -14.24
N ALA C 320 -22.85 16.61 -13.35
CA ALA C 320 -21.81 15.63 -13.61
C ALA C 320 -20.46 16.25 -13.97
N ASP C 321 -20.24 17.49 -13.57
CA ASP C 321 -18.95 18.15 -13.72
C ASP C 321 -18.19 18.07 -12.41
N ARG C 322 -16.88 17.82 -12.50
CA ARG C 322 -16.04 17.83 -11.31
C ARG C 322 -15.71 19.26 -10.93
N ALA C 323 -15.94 19.61 -9.66
CA ALA C 323 -15.89 20.99 -9.22
C ALA C 323 -14.91 21.17 -8.08
N GLY C 324 -13.82 20.42 -8.09
CA GLY C 324 -12.81 20.59 -7.06
C GLY C 324 -12.10 19.28 -6.77
N VAL C 325 -10.98 19.41 -6.07
CA VAL C 325 -10.15 18.28 -5.68
C VAL C 325 -9.76 18.46 -4.22
N LEU C 326 -9.59 17.35 -3.52
CA LEU C 326 -9.09 17.34 -2.15
C LEU C 326 -7.81 16.50 -2.17
N ALA C 327 -6.69 17.14 -2.49
CA ALA C 327 -5.41 16.46 -2.66
C ALA C 327 -4.51 16.81 -1.48
N GLY C 328 -4.50 15.96 -0.46
CA GLY C 328 -3.60 16.15 0.66
C GLY C 328 -3.03 14.87 1.23
N HIS C 329 -3.39 13.73 0.65
CA HIS C 329 -2.98 12.44 1.18
C HIS C 329 -1.85 11.84 0.35
N ASP C 330 -1.05 11.00 1.00
CA ASP C 330 0.12 10.40 0.38
C ASP C 330 -0.05 8.92 0.10
N ASN C 331 -1.19 8.33 0.44
CA ASN C 331 -1.46 6.95 0.12
C ASN C 331 -2.94 6.83 -0.24
N ARG C 332 -3.40 5.58 -0.38
CA ARG C 332 -4.77 5.32 -0.80
C ARG C 332 -5.77 5.96 0.15
N VAL C 333 -6.71 6.72 -0.40
CA VAL C 333 -7.79 7.30 0.40
C VAL C 333 -8.82 6.19 0.64
N SER C 334 -8.97 5.78 1.90
CA SER C 334 -9.75 4.60 2.22
C SER C 334 -11.16 4.91 2.70
N CYS C 335 -11.36 6.01 3.43
CA CYS C 335 -12.67 6.28 4.00
C CYS C 335 -12.98 7.77 3.92
N LEU C 336 -14.28 8.07 3.90
CA LEU C 336 -14.76 9.41 3.61
C LEU C 336 -16.07 9.61 4.36
N GLY C 337 -16.22 10.77 5.01
CA GLY C 337 -17.44 11.01 5.76
C GLY C 337 -17.80 12.47 5.98
N VAL C 338 -19.03 12.84 5.66
CA VAL C 338 -19.53 14.20 5.87
C VAL C 338 -20.30 14.24 7.18
N THR C 339 -20.17 15.35 7.91
CA THR C 339 -20.88 15.51 9.16
C THR C 339 -22.38 15.63 8.92
N ASP C 340 -23.15 15.35 9.96
CA ASP C 340 -24.60 15.38 9.85
C ASP C 340 -25.16 16.79 9.75
N ASP C 341 -24.36 17.81 10.03
CA ASP C 341 -24.75 19.19 9.79
C ASP C 341 -24.07 19.78 8.56
N GLY C 342 -23.23 19.01 7.87
CA GLY C 342 -22.66 19.44 6.61
C GLY C 342 -21.50 20.40 6.73
N MET C 343 -20.86 20.47 7.90
CA MET C 343 -19.83 21.48 8.14
C MET C 343 -18.44 21.02 7.71
N ALA C 344 -18.11 19.75 7.87
CA ALA C 344 -16.77 19.27 7.59
C ALA C 344 -16.83 17.97 6.81
N VAL C 345 -15.67 17.57 6.30
CA VAL C 345 -15.50 16.32 5.57
C VAL C 345 -14.24 15.65 6.10
N ALA C 346 -14.40 14.52 6.79
CA ALA C 346 -13.25 13.77 7.25
C ALA C 346 -12.85 12.75 6.21
N THR C 347 -11.54 12.66 5.96
CA THR C 347 -10.97 11.65 5.08
C THR C 347 -9.94 10.85 5.85
N GLY C 348 -9.88 9.56 5.57
CA GLY C 348 -8.87 8.70 6.16
C GLY C 348 -8.20 7.89 5.09
N SER C 349 -6.88 7.83 5.16
CA SER C 349 -6.06 7.21 4.12
C SER C 349 -5.16 6.14 4.73
N TRP C 350 -4.47 5.43 3.85
CA TRP C 350 -3.56 4.36 4.26
C TRP C 350 -2.23 4.88 4.78
N ASP C 351 -2.04 6.19 4.86
CA ASP C 351 -0.84 6.77 5.46
C ASP C 351 -1.04 7.12 6.92
N SER C 352 -2.11 6.60 7.54
CA SER C 352 -2.37 6.68 8.98
C SER C 352 -2.79 8.07 9.45
N PHE C 353 -3.34 8.89 8.57
CA PHE C 353 -3.75 10.24 8.93
C PHE C 353 -5.23 10.45 8.62
N LEU C 354 -5.92 11.11 9.54
CA LEU C 354 -7.27 11.61 9.31
C LEU C 354 -7.19 13.11 9.10
N LYS C 355 -7.86 13.60 8.06
CA LYS C 355 -7.83 15.02 7.72
C LYS C 355 -9.26 15.54 7.63
N ILE C 356 -9.53 16.63 8.32
CA ILE C 356 -10.81 17.32 8.23
C ILE C 356 -10.68 18.47 7.24
N TRP C 357 -11.60 18.54 6.29
CA TRP C 357 -11.66 19.61 5.30
C TRP C 357 -12.93 20.41 5.51
N ASN C 358 -12.88 21.67 5.08
CA ASN C 358 -14.00 22.58 5.27
C ASN C 358 -14.11 23.57 4.14
N ASN D 5 -28.64 -32.85 -10.03
CA ASN D 5 -28.01 -31.63 -9.56
C ASN D 5 -29.05 -30.60 -9.12
N THR D 6 -29.83 -30.95 -8.10
CA THR D 6 -30.86 -30.06 -7.59
C THR D 6 -30.31 -28.76 -7.02
N ALA D 7 -29.03 -28.73 -6.64
CA ALA D 7 -28.43 -27.53 -6.05
C ALA D 7 -28.40 -26.37 -7.04
N SER D 8 -28.55 -26.64 -8.33
CA SER D 8 -28.60 -25.60 -9.35
C SER D 8 -30.02 -25.22 -9.76
N ILE D 9 -30.90 -26.21 -9.93
CA ILE D 9 -32.27 -25.89 -10.33
C ILE D 9 -33.02 -25.21 -9.18
N ALA D 10 -32.70 -25.55 -7.93
CA ALA D 10 -33.35 -24.87 -6.81
C ALA D 10 -32.95 -23.40 -6.75
N GLN D 11 -31.67 -23.10 -6.92
CA GLN D 11 -31.22 -21.71 -6.95
C GLN D 11 -31.81 -20.98 -8.15
N ALA D 12 -31.92 -21.65 -9.29
CA ALA D 12 -32.55 -21.02 -10.45
C ALA D 12 -34.02 -20.75 -10.22
N ARG D 13 -34.71 -21.62 -9.48
CA ARG D 13 -36.08 -21.36 -9.08
C ARG D 13 -36.17 -20.12 -8.20
N LYS D 14 -35.32 -20.05 -7.17
CA LYS D 14 -35.31 -18.87 -6.33
C LYS D 14 -35.06 -17.61 -7.16
N LEU D 15 -34.15 -17.70 -8.13
CA LEU D 15 -33.85 -16.57 -8.99
C LEU D 15 -35.05 -16.15 -9.81
N VAL D 16 -35.76 -17.12 -10.39
CA VAL D 16 -36.88 -16.76 -11.27
C VAL D 16 -38.03 -16.18 -10.47
N GLU D 17 -38.30 -16.69 -9.27
CA GLU D 17 -39.32 -16.03 -8.44
C GLU D 17 -38.87 -14.66 -7.96
N GLN D 18 -37.57 -14.46 -7.70
CA GLN D 18 -37.10 -13.14 -7.31
C GLN D 18 -37.28 -12.14 -8.45
N LEU D 19 -37.01 -12.57 -9.69
CA LEU D 19 -37.27 -11.70 -10.83
C LEU D 19 -38.76 -11.45 -11.02
N LYS D 20 -39.59 -12.46 -10.78
CA LYS D 20 -41.03 -12.26 -10.84
C LYS D 20 -41.49 -11.22 -9.82
N MET D 21 -40.87 -11.22 -8.64
CA MET D 21 -41.20 -10.23 -7.62
C MET D 21 -40.72 -8.84 -8.01
N GLU D 22 -39.48 -8.73 -8.49
CA GLU D 22 -38.89 -7.46 -8.87
C GLU D 22 -39.43 -6.92 -10.19
N ALA D 23 -40.25 -7.71 -10.90
CA ALA D 23 -40.75 -7.29 -12.21
C ALA D 23 -41.96 -6.38 -12.09
N ASN D 24 -42.90 -6.69 -11.19
CA ASN D 24 -44.17 -5.98 -11.13
C ASN D 24 -44.09 -4.87 -10.08
N ILE D 25 -43.44 -3.77 -10.47
CA ILE D 25 -43.42 -2.55 -9.69
C ILE D 25 -43.66 -1.38 -10.64
N ASP D 26 -44.53 -0.47 -10.23
CA ASP D 26 -44.86 0.68 -11.07
C ASP D 26 -43.76 1.74 -10.97
N ARG D 27 -43.31 2.23 -12.12
CA ARG D 27 -42.21 3.17 -12.20
C ARG D 27 -42.70 4.49 -12.76
N ILE D 28 -42.19 5.58 -12.21
CA ILE D 28 -42.53 6.93 -12.68
C ILE D 28 -41.60 7.30 -13.83
N LYS D 29 -41.96 8.35 -14.57
CA LYS D 29 -41.07 8.85 -15.61
C LYS D 29 -39.77 9.33 -15.00
N VAL D 30 -38.69 9.25 -15.78
CA VAL D 30 -37.38 9.67 -15.28
C VAL D 30 -37.34 11.19 -15.12
N SER D 31 -38.05 11.92 -15.98
CA SER D 31 -38.08 13.38 -15.86
C SER D 31 -38.72 13.82 -14.55
N LYS D 32 -39.76 13.09 -14.10
CA LYS D 32 -40.40 13.45 -12.84
C LYS D 32 -39.45 13.30 -11.66
N ALA D 33 -38.74 12.17 -11.58
CA ALA D 33 -37.82 11.96 -10.49
C ALA D 33 -36.63 12.90 -10.57
N ALA D 34 -36.18 13.22 -11.78
CA ALA D 34 -35.13 14.21 -11.95
C ALA D 34 -35.57 15.58 -11.43
N ALA D 35 -36.81 15.97 -11.73
CA ALA D 35 -37.34 17.23 -11.21
C ALA D 35 -37.44 17.19 -9.69
N ASP D 36 -37.79 16.03 -9.13
CA ASP D 36 -37.84 15.90 -7.69
C ASP D 36 -36.46 16.10 -7.05
N LEU D 37 -35.43 15.46 -7.63
CA LEU D 37 -34.08 15.63 -7.11
C LEU D 37 -33.61 17.08 -7.23
N MET D 38 -33.93 17.73 -8.35
CA MET D 38 -33.55 19.13 -8.52
C MET D 38 -34.26 20.02 -7.50
N ALA D 39 -35.56 19.79 -7.29
CA ALA D 39 -36.30 20.57 -6.31
C ALA D 39 -35.74 20.39 -4.91
N TYR D 40 -35.29 19.18 -4.58
CA TYR D 40 -34.67 18.97 -3.27
C TYR D 40 -33.33 19.71 -3.19
N CYS D 41 -32.49 19.58 -4.22
CA CYS D 41 -31.18 20.22 -4.19
C CYS D 41 -31.27 21.74 -4.26
N GLU D 42 -32.42 22.31 -4.62
CA GLU D 42 -32.57 23.76 -4.60
C GLU D 42 -33.42 24.28 -3.44
N ALA D 43 -34.20 23.43 -2.77
CA ALA D 43 -34.90 23.84 -1.57
C ALA D 43 -34.05 23.73 -0.32
N HIS D 44 -32.79 23.30 -0.45
CA HIS D 44 -31.86 23.23 0.66
C HIS D 44 -30.51 23.84 0.30
N ALA D 45 -30.48 24.73 -0.70
CA ALA D 45 -29.23 25.23 -1.23
C ALA D 45 -28.46 26.07 -0.21
N LYS D 46 -29.17 26.71 0.72
CA LYS D 46 -28.55 27.59 1.70
C LYS D 46 -28.32 26.92 3.05
N GLU D 47 -28.69 25.65 3.18
CA GLU D 47 -28.39 24.86 4.37
C GLU D 47 -27.17 23.97 4.18
N ASP D 48 -26.36 24.24 3.15
CA ASP D 48 -25.19 23.42 2.84
C ASP D 48 -23.92 24.21 3.12
N PRO D 49 -23.27 24.02 4.27
CA PRO D 49 -22.05 24.77 4.57
C PRO D 49 -20.87 24.44 3.67
N LEU D 50 -20.95 23.37 2.87
CA LEU D 50 -19.88 23.03 1.95
C LEU D 50 -20.11 23.64 0.57
N LEU D 51 -21.36 23.71 0.12
CA LEU D 51 -21.67 24.32 -1.16
C LEU D 51 -21.41 25.82 -1.13
N THR D 52 -22.14 26.52 -0.26
CA THR D 52 -21.90 27.94 -0.03
C THR D 52 -21.22 28.12 1.33
N PRO D 53 -20.06 28.79 1.38
CA PRO D 53 -19.33 28.89 2.64
C PRO D 53 -20.07 29.73 3.67
N VAL D 54 -19.66 29.56 4.92
CA VAL D 54 -20.23 30.29 6.05
C VAL D 54 -19.18 31.29 6.54
N PRO D 55 -19.59 32.39 7.17
CA PRO D 55 -18.61 33.33 7.72
C PRO D 55 -17.81 32.69 8.86
N ALA D 56 -16.58 33.19 9.04
CA ALA D 56 -15.68 32.62 10.03
C ALA D 56 -16.19 32.76 11.46
N SER D 57 -17.28 33.49 11.69
CA SER D 57 -17.86 33.60 13.01
C SER D 57 -18.72 32.40 13.38
N GLU D 58 -18.98 31.49 12.44
CA GLU D 58 -19.70 30.26 12.72
C GLU D 58 -18.99 29.01 12.20
N ASN D 59 -17.70 29.13 11.86
CA ASN D 59 -16.91 27.97 11.46
C ASN D 59 -16.25 27.36 12.68
N PRO D 60 -16.62 26.15 13.11
CA PRO D 60 -16.02 25.58 14.31
C PRO D 60 -14.60 25.07 14.11
N PHE D 61 -14.10 25.02 12.88
CA PHE D 61 -12.79 24.45 12.58
C PHE D 61 -11.75 25.51 12.23
N ARG D 62 -12.07 26.79 12.43
CA ARG D 62 -11.14 27.86 12.12
C ARG D 62 -9.87 27.78 12.98
N GLN E 1 -25.36 -4.58 -17.72
CA GLN E 1 -25.21 -5.86 -17.05
C GLN E 1 -24.15 -6.72 -17.74
N VAL E 2 -23.18 -7.19 -16.96
CA VAL E 2 -22.07 -7.96 -17.51
C VAL E 2 -22.61 -9.31 -17.98
N GLN E 3 -22.55 -9.54 -19.29
CA GLN E 3 -23.07 -10.76 -19.90
C GLN E 3 -22.00 -11.37 -20.79
N LEU E 4 -21.81 -12.68 -20.66
CA LEU E 4 -20.89 -13.44 -21.48
C LEU E 4 -21.60 -14.68 -21.99
N GLN E 5 -21.63 -14.88 -23.29
CA GLN E 5 -22.32 -16.00 -23.91
C GLN E 5 -21.34 -16.82 -24.73
N GLU E 6 -21.14 -18.08 -24.35
CA GLU E 6 -20.27 -18.98 -25.07
C GLU E 6 -21.06 -19.78 -26.11
N SER E 7 -20.40 -20.10 -27.21
CA SER E 7 -21.02 -20.83 -28.31
C SER E 7 -19.95 -21.65 -29.01
N GLY E 8 -20.39 -22.72 -29.68
CA GLY E 8 -19.51 -23.53 -30.49
C GLY E 8 -19.20 -24.90 -29.92
N GLY E 9 -19.65 -25.21 -28.72
CA GLY E 9 -19.40 -26.51 -28.16
C GLY E 9 -20.23 -27.60 -28.82
N GLY E 10 -19.78 -28.83 -28.65
CA GLY E 10 -20.47 -29.96 -29.24
C GLY E 10 -19.60 -31.20 -29.20
N LEU E 11 -19.98 -32.18 -30.03
CA LEU E 11 -19.29 -33.45 -30.10
C LEU E 11 -18.27 -33.41 -31.23
N VAL E 12 -17.14 -34.09 -31.02
CA VAL E 12 -16.05 -34.11 -32.00
C VAL E 12 -15.31 -35.43 -31.87
N GLN E 13 -14.72 -35.88 -32.98
CA GLN E 13 -13.90 -37.07 -32.99
C GLN E 13 -12.47 -36.74 -32.56
N PRO E 14 -11.75 -37.69 -31.98
CA PRO E 14 -10.35 -37.46 -31.61
C PRO E 14 -9.55 -36.95 -32.81
N GLY E 15 -8.64 -36.02 -32.54
CA GLY E 15 -7.92 -35.36 -33.61
C GLY E 15 -8.74 -34.40 -34.43
N GLY E 16 -9.91 -33.99 -33.94
CA GLY E 16 -10.80 -33.13 -34.68
C GLY E 16 -10.41 -31.67 -34.58
N SER E 17 -11.43 -30.81 -34.60
CA SER E 17 -11.23 -29.38 -34.57
C SER E 17 -12.49 -28.69 -34.07
N LEU E 18 -12.31 -27.59 -33.35
CA LEU E 18 -13.43 -26.81 -32.85
C LEU E 18 -13.01 -25.35 -32.76
N ARG E 19 -14.00 -24.48 -32.62
CA ARG E 19 -13.73 -23.05 -32.46
C ARG E 19 -14.80 -22.47 -31.54
N LEU E 20 -14.47 -22.37 -30.25
CA LEU E 20 -15.37 -21.74 -29.30
C LEU E 20 -15.33 -20.23 -29.45
N SER E 21 -16.50 -19.62 -29.43
CA SER E 21 -16.63 -18.17 -29.45
C SER E 21 -17.31 -17.70 -28.16
N CYS E 22 -17.05 -16.45 -27.80
CA CYS E 22 -17.55 -15.86 -26.56
C CYS E 22 -17.91 -14.43 -26.87
N ALA E 23 -19.21 -14.11 -26.79
CA ALA E 23 -19.72 -12.78 -27.06
C ALA E 23 -19.95 -12.07 -25.73
N ALA E 24 -19.40 -10.87 -25.60
CA ALA E 24 -19.43 -10.11 -24.36
C ALA E 24 -20.26 -8.84 -24.54
N SER E 25 -21.07 -8.53 -23.54
CA SER E 25 -21.88 -7.32 -23.55
C SER E 25 -21.94 -6.74 -22.16
N GLY E 26 -22.09 -5.42 -22.09
CA GLY E 26 -22.26 -4.74 -20.82
C GLY E 26 -21.01 -4.16 -20.22
N PHE E 27 -19.88 -4.17 -20.94
CA PHE E 27 -18.65 -3.58 -20.43
C PHE E 27 -17.74 -3.27 -21.59
N THR E 28 -16.75 -2.41 -21.33
CA THR E 28 -15.75 -2.05 -22.33
C THR E 28 -14.80 -3.23 -22.50
N PHE E 29 -15.07 -4.05 -23.53
CA PHE E 29 -14.28 -5.26 -23.76
C PHE E 29 -12.80 -4.97 -23.94
N SER E 30 -12.46 -3.78 -24.45
CA SER E 30 -11.08 -3.44 -24.76
C SER E 30 -10.21 -3.24 -23.54
N ASN E 31 -10.79 -3.15 -22.34
CA ASN E 31 -10.05 -2.79 -21.15
C ASN E 31 -9.67 -3.99 -20.28
N TYR E 32 -10.16 -5.17 -20.58
CA TYR E 32 -10.02 -6.31 -19.67
C TYR E 32 -9.19 -7.43 -20.30
N LYS E 33 -8.47 -8.14 -19.44
CA LYS E 33 -7.84 -9.40 -19.78
C LYS E 33 -8.90 -10.49 -19.82
N MET E 34 -8.79 -11.41 -20.78
CA MET E 34 -9.80 -12.45 -20.92
C MET E 34 -9.15 -13.82 -20.76
N ASN E 35 -9.96 -14.79 -20.31
CA ASN E 35 -9.47 -16.12 -19.98
C ASN E 35 -10.45 -17.16 -20.49
N TRP E 36 -9.92 -18.33 -20.80
CA TRP E 36 -10.70 -19.54 -21.02
C TRP E 36 -10.35 -20.51 -19.92
N VAL E 37 -11.36 -20.93 -19.16
CA VAL E 37 -11.21 -21.95 -18.12
C VAL E 37 -12.08 -23.13 -18.49
N ARG E 38 -11.88 -24.24 -17.79
CA ARG E 38 -12.65 -25.44 -18.09
C ARG E 38 -12.86 -26.26 -16.83
N GLN E 39 -13.93 -27.06 -16.87
CA GLN E 39 -14.24 -28.00 -15.79
C GLN E 39 -14.50 -29.37 -16.40
N ALA E 40 -13.67 -30.34 -16.03
CA ALA E 40 -13.82 -31.70 -16.50
C ALA E 40 -14.80 -32.47 -15.63
N PRO E 41 -15.40 -33.54 -16.15
CA PRO E 41 -16.32 -34.33 -15.33
C PRO E 41 -15.61 -34.95 -14.14
N GLY E 42 -16.13 -34.67 -12.95
CA GLY E 42 -15.54 -35.20 -11.74
C GLY E 42 -14.27 -34.51 -11.29
N LYS E 43 -14.11 -33.23 -11.61
CA LYS E 43 -12.93 -32.47 -11.23
C LYS E 43 -13.38 -31.07 -10.83
N GLY E 44 -12.41 -30.17 -10.68
CA GLY E 44 -12.67 -28.78 -10.39
C GLY E 44 -12.29 -27.89 -11.56
N LEU E 45 -12.63 -26.60 -11.42
CA LEU E 45 -12.29 -25.63 -12.45
C LEU E 45 -10.78 -25.46 -12.55
N GLU E 46 -10.28 -25.46 -13.78
CA GLU E 46 -8.87 -25.27 -14.04
C GLU E 46 -8.69 -24.23 -15.15
N TRP E 47 -7.59 -23.49 -15.06
CA TRP E 47 -7.29 -22.45 -16.04
C TRP E 47 -6.73 -23.08 -17.31
N VAL E 48 -7.10 -22.51 -18.45
CA VAL E 48 -6.66 -23.07 -19.73
C VAL E 48 -5.81 -22.05 -20.50
N SER E 49 -6.34 -20.86 -20.73
CA SER E 49 -5.60 -19.89 -21.52
C SER E 49 -6.01 -18.48 -21.14
N ASP E 50 -5.15 -17.51 -21.48
CA ASP E 50 -5.49 -16.11 -21.24
C ASP E 50 -4.82 -15.21 -22.27
N ILE E 51 -5.47 -14.07 -22.52
CA ILE E 51 -5.00 -13.08 -23.49
C ILE E 51 -5.22 -11.69 -22.90
N SER E 52 -4.25 -10.80 -23.16
CA SER E 52 -4.24 -9.47 -22.58
C SER E 52 -5.22 -8.55 -23.30
N GLN E 53 -5.15 -7.25 -23.00
CA GLN E 53 -6.11 -6.29 -23.54
C GLN E 53 -5.95 -6.11 -25.04
N SER E 54 -4.72 -6.21 -25.55
CA SER E 54 -4.46 -6.07 -26.97
C SER E 54 -4.31 -7.42 -27.66
N GLY E 55 -3.48 -8.30 -27.10
CA GLY E 55 -3.22 -9.59 -27.71
C GLY E 55 -1.72 -9.84 -27.77
N ALA E 56 -0.95 -8.90 -27.24
CA ALA E 56 0.50 -9.02 -27.28
C ALA E 56 0.99 -10.10 -26.33
N SER E 57 0.36 -10.24 -25.17
CA SER E 57 0.70 -11.28 -24.21
C SER E 57 -0.38 -12.35 -24.23
N ILE E 58 0.04 -13.60 -24.43
CA ILE E 58 -0.86 -14.73 -24.58
C ILE E 58 -0.23 -15.91 -23.88
N SER E 59 -0.99 -16.58 -23.01
CA SER E 59 -0.45 -17.72 -22.30
C SER E 59 -1.43 -18.88 -22.33
N TYR E 60 -0.87 -20.10 -22.26
CA TYR E 60 -1.62 -21.33 -22.25
C TYR E 60 -1.18 -22.20 -21.09
N THR E 61 -2.04 -23.10 -20.66
CA THR E 61 -1.63 -24.13 -19.73
C THR E 61 -0.71 -25.12 -20.43
N GLY E 62 -0.18 -26.08 -19.67
CA GLY E 62 0.81 -26.98 -20.22
C GLY E 62 0.25 -27.88 -21.31
N SER E 63 -0.84 -28.59 -21.00
CA SER E 63 -1.32 -29.66 -21.86
C SER E 63 -2.04 -29.19 -23.11
N VAL E 64 -2.05 -27.89 -23.40
CA VAL E 64 -2.67 -27.37 -24.61
C VAL E 64 -1.70 -26.53 -25.43
N LYS E 65 -0.45 -26.41 -25.02
CA LYS E 65 0.51 -25.59 -25.75
C LYS E 65 0.84 -26.25 -27.09
N GLY E 66 0.62 -25.50 -28.18
CA GLY E 66 0.80 -25.99 -29.52
C GLY E 66 -0.50 -26.31 -30.24
N ARG E 67 -1.50 -26.79 -29.51
CA ARG E 67 -2.78 -27.18 -30.09
C ARG E 67 -3.80 -26.05 -30.08
N PHE E 68 -4.12 -25.52 -28.91
CA PHE E 68 -5.10 -24.47 -28.79
C PHE E 68 -4.51 -23.13 -29.22
N THR E 69 -5.38 -22.23 -29.64
CA THR E 69 -4.97 -20.87 -30.01
C THR E 69 -6.06 -19.89 -29.61
N ILE E 70 -5.70 -18.91 -28.79
CA ILE E 70 -6.65 -17.93 -28.29
C ILE E 70 -6.51 -16.64 -29.09
N SER E 71 -7.63 -15.96 -29.30
CA SER E 71 -7.64 -14.72 -30.06
C SER E 71 -8.78 -13.85 -29.54
N ARG E 72 -8.70 -12.56 -29.85
CA ARG E 72 -9.77 -11.64 -29.48
C ARG E 72 -9.93 -10.59 -30.56
N ASP E 73 -11.17 -10.11 -30.70
CA ASP E 73 -11.51 -9.05 -31.64
C ASP E 73 -12.27 -7.97 -30.89
N ASN E 74 -11.63 -6.82 -30.70
CA ASN E 74 -12.24 -5.71 -29.99
C ASN E 74 -13.17 -4.89 -30.87
N ALA E 75 -13.22 -5.16 -32.18
CA ALA E 75 -14.16 -4.44 -33.04
C ALA E 75 -15.59 -4.88 -32.82
N LYS E 76 -15.79 -6.16 -32.48
CA LYS E 76 -17.12 -6.67 -32.16
C LYS E 76 -17.16 -7.34 -30.79
N ASN E 77 -16.13 -7.18 -29.98
CA ASN E 77 -16.09 -7.69 -28.60
C ASN E 77 -16.33 -9.20 -28.57
N THR E 78 -15.41 -9.95 -29.18
CA THR E 78 -15.54 -11.40 -29.23
C THR E 78 -14.22 -12.07 -28.87
N LEU E 79 -14.31 -13.20 -28.18
CA LEU E 79 -13.15 -13.99 -27.82
C LEU E 79 -13.25 -15.35 -28.48
N TYR E 80 -12.14 -15.85 -29.01
CA TYR E 80 -12.11 -17.10 -29.75
C TYR E 80 -11.07 -18.04 -29.18
N LEU E 81 -11.39 -19.33 -29.18
CA LEU E 81 -10.45 -20.39 -28.85
C LEU E 81 -10.56 -21.46 -29.93
N GLN E 82 -9.53 -21.58 -30.75
CA GLN E 82 -9.47 -22.63 -31.77
C GLN E 82 -8.76 -23.85 -31.18
N MET E 83 -9.46 -24.97 -31.14
CA MET E 83 -8.97 -26.20 -30.53
C MET E 83 -8.65 -27.20 -31.64
N ASN E 84 -7.39 -27.58 -31.73
CA ASN E 84 -6.91 -28.47 -32.78
C ASN E 84 -6.39 -29.77 -32.19
N SER E 85 -6.66 -30.87 -32.89
CA SER E 85 -6.19 -32.21 -32.52
C SER E 85 -6.55 -32.55 -31.08
N LEU E 86 -7.86 -32.61 -30.82
CA LEU E 86 -8.33 -32.88 -29.48
C LEU E 86 -8.06 -34.33 -29.09
N LYS E 87 -8.33 -34.64 -27.83
CA LYS E 87 -8.12 -35.97 -27.28
C LYS E 87 -9.12 -36.18 -26.15
N PRO E 88 -9.40 -37.44 -25.80
CA PRO E 88 -10.46 -37.70 -24.80
C PRO E 88 -10.26 -37.02 -23.46
N GLU E 89 -9.06 -36.50 -23.17
CA GLU E 89 -8.85 -35.73 -21.96
C GLU E 89 -9.32 -34.29 -22.09
N ASP E 90 -9.85 -33.90 -23.25
CA ASP E 90 -10.36 -32.56 -23.46
C ASP E 90 -11.86 -32.45 -23.25
N THR E 91 -12.53 -33.54 -22.90
CA THR E 91 -13.96 -33.50 -22.62
C THR E 91 -14.22 -32.68 -21.36
N ALA E 92 -14.90 -31.54 -21.51
CA ALA E 92 -15.13 -30.66 -20.38
C ALA E 92 -16.14 -29.60 -20.77
N VAL E 93 -16.59 -28.85 -19.78
CA VAL E 93 -17.40 -27.66 -19.99
C VAL E 93 -16.46 -26.46 -19.97
N TYR E 94 -16.46 -25.68 -21.04
CA TYR E 94 -15.54 -24.56 -21.19
C TYR E 94 -16.26 -23.25 -20.90
N TYR E 95 -15.59 -22.38 -20.14
CA TYR E 95 -16.14 -21.10 -19.73
C TYR E 95 -15.23 -19.96 -20.17
N CYS E 96 -15.85 -18.84 -20.48
CA CYS E 96 -15.18 -17.62 -20.90
C CYS E 96 -15.23 -16.64 -19.72
N ALA E 97 -14.09 -16.44 -19.07
CA ALA E 97 -14.02 -15.63 -17.87
C ALA E 97 -13.36 -14.27 -18.16
N ARG E 98 -13.81 -13.25 -17.45
CA ARG E 98 -13.23 -11.92 -17.55
C ARG E 98 -12.72 -11.62 -16.15
N CYS E 99 -11.49 -11.14 -15.99
CA CYS E 99 -11.04 -10.92 -14.63
C CYS E 99 -11.47 -9.54 -14.15
N PRO E 100 -11.59 -9.35 -12.82
CA PRO E 100 -12.55 -8.35 -12.32
C PRO E 100 -12.19 -6.91 -12.59
N ALA E 101 -10.91 -6.56 -12.69
CA ALA E 101 -10.61 -5.14 -12.76
C ALA E 101 -10.03 -4.76 -14.12
N PRO E 102 -10.40 -3.60 -14.65
CA PRO E 102 -9.81 -3.13 -15.91
C PRO E 102 -8.42 -2.55 -15.70
N PHE E 103 -7.63 -2.61 -16.77
CA PHE E 103 -6.28 -2.03 -16.84
C PHE E 103 -5.28 -2.71 -15.92
N THR E 104 -5.57 -3.94 -15.48
CA THR E 104 -4.66 -4.66 -14.60
C THR E 104 -4.01 -5.83 -15.32
N ARG E 105 -2.91 -6.30 -14.75
CA ARG E 105 -2.18 -7.46 -15.26
C ARG E 105 -2.44 -8.71 -14.45
N ASP E 106 -3.09 -8.60 -13.29
CA ASP E 106 -3.40 -9.72 -12.42
C ASP E 106 -4.89 -10.01 -12.48
N CYS E 107 -5.25 -11.28 -12.39
CA CYS E 107 -6.64 -11.74 -12.42
C CYS E 107 -6.77 -12.85 -11.38
N PHE E 108 -7.38 -12.53 -10.24
CA PHE E 108 -7.34 -13.42 -9.08
C PHE E 108 -8.27 -14.62 -9.22
N ASP E 109 -9.57 -14.38 -9.29
CA ASP E 109 -10.55 -15.38 -8.89
C ASP E 109 -11.32 -15.98 -10.06
N VAL E 110 -10.67 -16.13 -11.22
CA VAL E 110 -11.38 -16.64 -12.38
C VAL E 110 -11.68 -18.13 -12.26
N THR E 111 -11.02 -18.84 -11.36
CA THR E 111 -11.20 -20.28 -11.21
C THR E 111 -12.05 -20.66 -10.01
N SER E 112 -12.43 -19.69 -9.18
CA SER E 112 -13.22 -19.98 -8.00
C SER E 112 -14.58 -20.57 -8.39
N THR E 113 -15.20 -21.26 -7.44
CA THR E 113 -16.41 -22.03 -7.71
C THR E 113 -17.62 -21.16 -7.97
N THR E 114 -17.63 -19.91 -7.50
CA THR E 114 -18.80 -19.06 -7.63
C THR E 114 -18.44 -17.68 -8.18
N TYR E 115 -17.44 -17.63 -9.05
CA TYR E 115 -17.04 -16.35 -9.66
C TYR E 115 -18.20 -15.75 -10.45
N ALA E 116 -18.28 -14.42 -10.44
CA ALA E 116 -19.45 -13.73 -10.97
C ALA E 116 -19.31 -13.33 -12.43
N TYR E 117 -18.09 -13.11 -12.91
CA TYR E 117 -17.86 -12.66 -14.28
C TYR E 117 -17.49 -13.83 -15.20
N ARG E 118 -18.08 -14.99 -14.96
CA ARG E 118 -17.95 -16.14 -15.83
C ARG E 118 -19.25 -16.34 -16.59
N GLY E 119 -19.18 -17.12 -17.66
CA GLY E 119 -20.33 -17.46 -18.46
C GLY E 119 -20.98 -18.74 -18.01
N GLN E 120 -21.84 -19.29 -18.87
CA GLN E 120 -22.51 -20.54 -18.57
C GLN E 120 -21.78 -21.76 -19.10
N GLY E 121 -20.94 -21.59 -20.12
CA GLY E 121 -20.10 -22.67 -20.58
C GLY E 121 -20.72 -23.46 -21.72
N THR E 122 -19.86 -24.04 -22.55
CA THR E 122 -20.28 -24.95 -23.61
C THR E 122 -19.65 -26.31 -23.37
N GLN E 123 -20.43 -27.36 -23.61
CA GLN E 123 -19.93 -28.72 -23.45
C GLN E 123 -19.11 -29.12 -24.67
N VAL E 124 -17.99 -29.79 -24.43
CA VAL E 124 -17.13 -30.31 -25.49
C VAL E 124 -16.78 -31.74 -25.11
N THR E 125 -17.38 -32.70 -25.80
CA THR E 125 -17.13 -34.12 -25.57
C THR E 125 -16.36 -34.69 -26.75
N VAL E 126 -15.24 -35.34 -26.46
CA VAL E 126 -14.43 -35.99 -27.49
C VAL E 126 -14.63 -37.49 -27.32
N SER E 127 -15.44 -38.08 -28.19
CA SER E 127 -15.78 -39.49 -28.12
C SER E 127 -15.54 -40.13 -29.48
N SER E 128 -15.74 -41.44 -29.55
CA SER E 128 -15.51 -42.19 -30.79
C SER E 128 -16.80 -42.79 -31.32
C2 P2E F . 44.20 30.06 2.73
C3 P2E F . 42.82 29.43 2.95
C4 P2E F . 42.71 28.93 4.39
C5 P2E F . 41.61 27.88 4.46
C6 P2E F . 40.39 28.38 4.22
C7 P2E F . 39.32 27.30 4.20
C8 P2E F . 37.92 27.95 3.90
C9 P2E F . 37.92 28.51 2.58
O3 P2E F . 38.79 29.22 2.21
C12 P2E F . 36.88 26.86 3.85
C11 P2E F . 35.93 27.24 2.68
O4 P2E F . 35.52 26.15 2.05
C10 P2E F . 36.80 28.14 1.69
C13 P2E F . 36.12 26.76 5.14
C14 P2E F . 36.66 25.87 5.98
C15 P2E F . 35.63 24.93 6.62
O5 P2E F . 34.61 24.67 5.70
C16 P2E F . 36.31 23.62 7.00
C17 P2E F . 35.30 22.48 6.99
C18 P2E F . 36.01 21.17 7.34
C19 P2E F . 35.03 20.00 7.22
C20 P2E F . 35.82 18.71 7.02
O1 P2E F . 43.43 32.17 1.87
C1 P2E F . 44.13 31.13 1.66
O2 P2E F . 44.74 30.99 0.57
#